data_7CN1
#
_entry.id   7CN1
#
_cell.length_a   1.00
_cell.length_b   1.00
_cell.length_c   1.00
_cell.angle_alpha   90.00
_cell.angle_beta   90.00
_cell.angle_gamma   90.00
#
_symmetry.space_group_name_H-M   'P 1'
#
loop_
_entity.id
_entity.type
_entity.pdbx_description
1 polymer 'potassium channel'
2 non-polymer 'POTASSIUM ION'
#
_entity_poly.entity_id   1
_entity_poly.type   'polypeptide(L)'
_entity_poly.pdbx_seq_one_letter_code
;MPVRRGHVAPQNTFLDTIIRKFEGQSRKFIIANARVENCAVIYCNDGFCELCGYSRAEVMQRPCTCDFLHGPRTQRRAAA
QIAQALLGAEERKVEIAFYRKDGSCFLCLVDVVPVKNEDGAVIMFILNFEVVMEKDMVGSSPTSDREIIAPKIKERTHNV
TEKVTQVLSLGADVLPEYKLQAPRIHRWTILHYSPFKAVWDWLILLLVIYTAVFTPYSAAFLLKETEEGPPATECGYACQ
PLAVVDLIVDIMFIVDILINFRTTYVNANEEVVSHPGRIAVHYFKGWFLIDMVAAIPFDLLIFGSGSEELIGLLKTARLL
RLVRVARKLDRYSEYGAAVLFLLMCTFALIAHWLACIWYAIGNMEQPHMDSRIGWLHNLGDQIGKPYNSSGLGGPSIKDK
YVTALYFTFSSLTSVGFGNVSPNTNSEKIFSICVMLIGSLMYASIFGNVSAIIQRLYSGTARYHTQMLRVREFIRFHQIP
NPLRQRLEEYFQHAWSYTNGIDMNAVLKGFPECLQADICLHLNRSLLQHCKPFRGATKGCLRALAMKFKTTHAPPGDTLV
HAGDLLTALYFISRGSIEILRGDVVVAILGKNDIFGEPLNLYARPGKSNGDVRALTYCDLHKIHRDDLLEVLDMYPEFSD
HFWSSLEITFNLRDTNMIPGGRQYQELPRCPAPTPSLLNIPLSSPGRRPRGDVESRLDALQRQLNRLETRLSADMATVLQ
LLQRQMTLVPPAYSAVTTPGPGPTSTSPLLPVSPLPTLTLDSLSQVSQFMACEELPPGAPELPQEGPTRRLSLPGQLGAL
TSQPLHRHGSDPGSLEVLFQ
;
_entity_poly.pdbx_strand_id   A,B,C,D
#
loop_
_chem_comp.id
_chem_comp.type
_chem_comp.name
_chem_comp.formula
K non-polymer 'POTASSIUM ION' 'K 1'
#
# COMPACT_ATOMS: atom_id res chain seq x y z
N THR A 189 53.84 -5.79 -0.98
CA THR A 189 52.85 -6.66 -0.34
C THR A 189 51.98 -5.86 0.61
N ILE A 190 50.78 -5.51 0.16
CA ILE A 190 49.84 -4.73 0.95
C ILE A 190 48.59 -5.56 1.20
N LEU A 191 47.96 -5.33 2.35
CA LEU A 191 46.90 -6.19 2.83
C LEU A 191 45.52 -5.60 2.49
N HIS A 192 44.48 -6.25 3.01
CA HIS A 192 43.09 -5.91 2.73
C HIS A 192 42.40 -5.29 3.94
N TYR A 193 42.57 -5.88 5.12
CA TYR A 193 41.97 -5.38 6.34
C TYR A 193 42.74 -4.22 6.95
N SER A 194 43.59 -3.55 6.17
CA SER A 194 44.31 -2.41 6.68
C SER A 194 43.35 -1.25 6.94
N PRO A 195 43.57 -0.47 7.97
CA PRO A 195 42.82 0.77 8.13
C PRO A 195 43.03 1.76 7.00
N PHE A 196 43.89 1.42 6.04
CA PHE A 196 44.07 2.25 4.85
C PHE A 196 43.08 1.88 3.74
N LYS A 197 43.01 0.59 3.40
CA LYS A 197 42.08 0.16 2.36
C LYS A 197 40.64 0.28 2.82
N ALA A 198 40.38 0.23 4.12
CA ALA A 198 39.02 0.44 4.60
C ALA A 198 38.51 1.81 4.18
N VAL A 199 39.23 2.87 4.54
CA VAL A 199 38.82 4.21 4.18
C VAL A 199 38.89 4.40 2.66
N TRP A 200 39.93 3.86 2.03
CA TRP A 200 40.05 4.03 0.59
C TRP A 200 38.92 3.34 -0.17
N ASP A 201 38.45 2.21 0.36
CA ASP A 201 37.36 1.47 -0.26
C ASP A 201 36.02 2.13 0.00
N TRP A 202 35.84 2.71 1.19
CA TRP A 202 34.67 3.55 1.39
C TRP A 202 34.67 4.69 0.40
N LEU A 203 35.86 5.25 0.12
CA LEU A 203 35.93 6.35 -0.84
C LEU A 203 35.65 5.87 -2.26
N ILE A 204 36.14 4.68 -2.61
CA ILE A 204 35.85 4.18 -3.95
C ILE A 204 34.41 3.73 -4.07
N LEU A 205 33.74 3.37 -2.98
CA LEU A 205 32.32 3.08 -3.11
C LEU A 205 31.54 4.37 -3.24
N LEU A 206 31.98 5.43 -2.56
CA LEU A 206 31.45 6.75 -2.86
C LEU A 206 31.64 7.07 -4.34
N LEU A 207 32.77 6.65 -4.91
CA LEU A 207 33.04 6.93 -6.32
C LEU A 207 32.18 6.07 -7.24
N VAL A 208 31.92 4.81 -6.86
CA VAL A 208 31.08 3.97 -7.71
C VAL A 208 29.64 4.42 -7.61
N ILE A 209 29.23 4.92 -6.45
CA ILE A 209 27.97 5.63 -6.35
C ILE A 209 27.98 6.83 -7.26
N TYR A 210 29.11 7.56 -7.28
CA TYR A 210 29.26 8.70 -8.18
C TYR A 210 29.01 8.28 -9.62
N THR A 211 29.61 7.17 -10.03
CA THR A 211 29.42 6.69 -11.41
C THR A 211 27.97 6.32 -11.65
N ALA A 212 27.46 5.37 -10.86
CA ALA A 212 26.10 4.87 -11.02
C ALA A 212 25.09 6.01 -11.07
N VAL A 213 25.37 7.12 -10.41
CA VAL A 213 24.51 8.30 -10.54
C VAL A 213 24.89 9.16 -11.74
N PHE A 214 26.13 9.09 -12.21
CA PHE A 214 26.59 10.04 -13.20
C PHE A 214 26.92 9.42 -14.55
N THR A 215 27.06 8.11 -14.67
CA THR A 215 27.19 7.58 -16.02
C THR A 215 25.84 7.43 -16.75
N PRO A 216 24.76 6.95 -16.12
CA PRO A 216 23.50 6.93 -16.88
C PRO A 216 23.00 8.32 -17.15
N TYR A 217 23.16 9.22 -16.17
CA TYR A 217 22.73 10.60 -16.32
C TYR A 217 23.48 11.28 -17.44
N SER A 218 24.70 10.84 -17.73
CA SER A 218 25.51 11.49 -18.75
C SER A 218 25.07 11.11 -20.15
N ALA A 219 24.89 9.81 -20.41
CA ALA A 219 24.57 9.33 -21.75
C ALA A 219 23.08 9.38 -22.06
N ALA A 220 22.23 9.30 -21.03
CA ALA A 220 20.79 9.32 -21.26
C ALA A 220 20.29 10.73 -21.53
N PHE A 221 20.87 11.72 -20.86
CA PHE A 221 20.47 13.10 -21.04
C PHE A 221 21.49 13.86 -21.88
N LEU A 247 39.24 13.90 -13.98
CA LEU A 247 39.69 12.69 -14.66
C LEU A 247 40.07 11.64 -13.63
N ILE A 248 40.27 12.09 -12.39
CA ILE A 248 40.65 11.20 -11.29
C ILE A 248 39.61 10.12 -11.04
N VAL A 249 38.42 10.26 -11.63
CA VAL A 249 37.35 9.29 -11.45
C VAL A 249 37.71 7.93 -12.03
N ASP A 250 38.82 7.83 -12.73
CA ASP A 250 39.26 6.57 -13.31
C ASP A 250 40.55 6.04 -12.71
N ILE A 251 41.48 6.92 -12.32
CA ILE A 251 42.78 6.46 -11.84
C ILE A 251 42.62 5.63 -10.57
N MET A 252 41.66 5.97 -9.72
CA MET A 252 41.44 5.22 -8.50
C MET A 252 40.97 3.80 -8.80
N PHE A 253 39.93 3.68 -9.63
CA PHE A 253 39.40 2.37 -9.96
C PHE A 253 40.42 1.53 -10.71
N ILE A 254 41.23 2.14 -11.57
CA ILE A 254 42.19 1.33 -12.31
C ILE A 254 43.36 0.95 -11.41
N VAL A 255 43.80 1.85 -10.53
CA VAL A 255 44.87 1.51 -9.60
C VAL A 255 44.44 0.39 -8.68
N ASP A 256 43.14 0.30 -8.41
CA ASP A 256 42.66 -0.83 -7.62
C ASP A 256 43.09 -2.17 -8.21
N ILE A 257 43.43 -2.24 -9.50
CA ILE A 257 43.85 -3.52 -10.04
C ILE A 257 45.11 -4.02 -9.33
N LEU A 258 46.09 -3.13 -9.15
CA LEU A 258 47.30 -3.50 -8.44
C LEU A 258 47.13 -3.41 -6.93
N ILE A 259 46.20 -2.58 -6.45
CA ILE A 259 45.89 -2.55 -5.02
C ILE A 259 45.38 -3.92 -4.58
N ASN A 260 44.51 -4.52 -5.38
CA ASN A 260 44.04 -5.88 -5.11
C ASN A 260 45.10 -6.91 -5.45
N PHE A 261 45.96 -6.62 -6.44
CA PHE A 261 47.04 -7.54 -6.77
C PHE A 261 47.89 -7.82 -5.53
N ARG A 262 48.55 -6.79 -5.01
CA ARG A 262 49.42 -6.93 -3.85
C ARG A 262 48.62 -7.18 -2.57
N TYR A 265 44.64 -10.39 -0.22
CA TYR A 265 43.59 -11.38 -0.42
C TYR A 265 43.66 -12.46 0.64
N VAL A 266 42.66 -13.35 0.64
CA VAL A 266 42.63 -14.53 1.51
C VAL A 266 42.12 -15.70 0.69
N ASN A 267 42.80 -16.83 0.78
CA ASN A 267 42.37 -18.02 0.06
C ASN A 267 41.12 -18.61 0.72
N ALA A 268 40.66 -19.74 0.18
CA ALA A 268 39.45 -20.37 0.70
C ALA A 268 39.63 -20.86 2.13
N ASN A 269 40.58 -21.78 2.33
CA ASN A 269 40.88 -22.34 3.63
C ASN A 269 42.28 -22.00 4.06
N GLU A 270 42.68 -20.74 3.89
CA GLU A 270 44.03 -20.31 4.20
C GLU A 270 43.98 -18.89 4.73
N GLU A 271 45.15 -18.36 5.11
CA GLU A 271 45.31 -17.01 5.61
C GLU A 271 45.59 -16.08 4.43
N VAL A 272 45.94 -14.83 4.73
CA VAL A 272 46.31 -13.87 3.68
C VAL A 272 47.74 -14.19 3.25
N VAL A 273 47.89 -15.01 2.21
CA VAL A 273 49.19 -15.60 1.91
C VAL A 273 50.14 -14.53 1.36
N SER A 274 51.38 -14.55 1.86
CA SER A 274 52.41 -13.62 1.46
C SER A 274 53.07 -14.05 0.15
N HIS A 275 54.23 -13.47 -0.17
CA HIS A 275 54.95 -13.75 -1.40
C HIS A 275 54.09 -13.39 -2.60
N PRO A 276 53.92 -12.10 -2.90
CA PRO A 276 52.93 -11.69 -3.92
C PRO A 276 53.27 -12.16 -5.33
N GLY A 277 53.42 -13.47 -5.49
CA GLY A 277 53.47 -14.12 -6.78
C GLY A 277 52.39 -15.17 -6.81
N ARG A 278 51.93 -15.55 -5.61
CA ARG A 278 50.75 -16.39 -5.44
C ARG A 278 49.48 -15.57 -5.32
N ILE A 279 49.48 -14.39 -5.93
CA ILE A 279 48.36 -13.46 -5.87
C ILE A 279 47.65 -13.35 -7.22
N ALA A 280 48.43 -13.30 -8.30
CA ALA A 280 47.89 -12.97 -9.61
C ALA A 280 46.98 -14.06 -10.13
N VAL A 281 47.38 -15.33 -10.00
CA VAL A 281 46.52 -16.42 -10.47
C VAL A 281 45.24 -16.48 -9.65
N HIS A 282 45.34 -16.25 -8.34
CA HIS A 282 44.13 -16.21 -7.52
C HIS A 282 43.20 -15.10 -7.99
N TYR A 283 43.76 -13.94 -8.30
CA TYR A 283 42.94 -12.85 -8.83
C TYR A 283 42.26 -13.27 -10.13
N PHE A 284 43.03 -13.83 -11.05
CA PHE A 284 42.47 -14.27 -12.33
C PHE A 284 41.35 -15.28 -12.08
N LYS A 285 41.44 -16.03 -10.98
CA LYS A 285 40.34 -16.92 -10.62
C LYS A 285 39.14 -16.12 -10.13
N GLY A 286 39.35 -15.15 -9.26
CA GLY A 286 38.26 -14.45 -8.62
C GLY A 286 37.46 -13.50 -9.48
N TRP A 287 38.04 -12.35 -9.83
CA TRP A 287 37.32 -11.32 -10.60
C TRP A 287 38.35 -10.47 -11.34
N PHE A 288 38.54 -10.75 -12.63
CA PHE A 288 39.42 -9.91 -13.42
C PHE A 288 38.91 -9.60 -14.83
N LEU A 289 38.08 -10.45 -15.43
CA LEU A 289 37.90 -10.42 -16.88
C LEU A 289 37.12 -9.19 -17.31
N ILE A 290 35.86 -9.09 -16.89
CA ILE A 290 35.05 -7.93 -17.24
C ILE A 290 35.54 -6.66 -16.56
N ASP A 291 36.39 -6.80 -15.54
CA ASP A 291 37.03 -5.64 -14.93
C ASP A 291 37.98 -4.93 -15.88
N MET A 292 38.49 -5.65 -16.89
CA MET A 292 39.31 -5.00 -17.90
C MET A 292 38.48 -4.09 -18.79
N VAL A 293 37.24 -4.49 -19.10
CA VAL A 293 36.31 -3.57 -19.74
C VAL A 293 35.94 -2.45 -18.78
N ALA A 294 35.90 -2.75 -17.48
CA ALA A 294 35.59 -1.73 -16.48
C ALA A 294 36.67 -0.66 -16.42
N ALA A 295 37.93 -1.07 -16.39
CA ALA A 295 39.04 -0.13 -16.22
C ALA A 295 39.46 0.50 -17.54
N ILE A 296 38.50 0.98 -18.33
CA ILE A 296 38.80 1.57 -19.63
C ILE A 296 37.84 2.71 -19.95
N GLY A 312 31.47 5.94 -29.23
CA GLY A 312 30.03 5.90 -28.99
C GLY A 312 29.66 5.91 -27.52
N LEU A 313 28.66 5.11 -27.16
CA LEU A 313 28.17 5.03 -25.79
C LEU A 313 28.95 4.04 -24.94
N LEU A 314 30.23 3.84 -25.26
CA LEU A 314 31.02 2.79 -24.64
C LEU A 314 31.29 3.06 -23.17
N LYS A 315 31.22 4.31 -22.71
CA LYS A 315 31.36 4.53 -21.28
C LYS A 315 30.21 3.95 -20.49
N THR A 316 29.16 3.47 -21.17
CA THR A 316 28.15 2.64 -20.51
C THR A 316 28.80 1.49 -19.77
N ALA A 317 29.89 0.95 -20.32
CA ALA A 317 30.58 -0.15 -19.68
C ALA A 317 31.07 0.22 -18.29
N ARG A 318 31.19 1.51 -17.98
CA ARG A 318 31.59 1.91 -16.64
C ARG A 318 30.63 1.42 -15.58
N LEU A 319 29.40 1.08 -15.96
CA LEU A 319 28.46 0.49 -15.01
C LEU A 319 29.00 -0.80 -14.41
N LEU A 320 29.92 -1.47 -15.10
CA LEU A 320 30.52 -2.69 -14.56
C LEU A 320 31.36 -2.41 -13.33
N ARG A 321 31.78 -1.16 -13.12
CA ARG A 321 32.40 -0.80 -11.85
C ARG A 321 31.50 -1.19 -10.69
N LEU A 322 30.18 -1.19 -10.92
CA LEU A 322 29.23 -1.56 -9.89
C LEU A 322 29.50 -2.97 -9.37
N VAL A 323 29.95 -3.86 -10.25
CA VAL A 323 30.20 -5.23 -9.81
C VAL A 323 31.29 -5.27 -8.75
N ARG A 324 32.11 -4.22 -8.65
CA ARG A 324 33.10 -4.16 -7.59
C ARG A 324 32.45 -4.22 -6.22
N VAL A 325 31.32 -3.52 -6.04
CA VAL A 325 30.64 -3.57 -4.76
C VAL A 325 29.94 -4.91 -4.59
N ALA A 326 29.75 -5.65 -5.69
CA ALA A 326 29.18 -6.98 -5.58
C ALA A 326 30.04 -7.87 -4.69
N ARG A 327 31.30 -8.07 -5.07
CA ARG A 327 32.22 -8.85 -4.27
C ARG A 327 32.71 -8.12 -3.04
N LYS A 328 32.30 -6.87 -2.82
CA LYS A 328 32.68 -6.11 -1.65
C LYS A 328 31.52 -5.86 -0.70
N LEU A 329 30.29 -6.19 -1.10
CA LEU A 329 29.13 -5.88 -0.27
C LEU A 329 29.19 -6.59 1.08
N ASP A 330 29.98 -7.65 1.20
CA ASP A 330 30.07 -8.38 2.45
C ASP A 330 30.82 -7.63 3.54
N ARG A 331 31.59 -6.61 3.16
CA ARG A 331 32.42 -5.87 4.11
C ARG A 331 31.79 -4.55 4.52
N TYR A 332 30.47 -4.50 4.66
CA TYR A 332 29.76 -3.30 5.07
C TYR A 332 29.00 -3.46 6.37
N SER A 333 28.27 -4.56 6.54
CA SER A 333 27.34 -4.74 7.65
C SER A 333 28.02 -4.64 9.01
N VAL A 339 22.79 -0.09 8.18
CA VAL A 339 22.50 -0.80 6.95
C VAL A 339 21.39 -0.09 6.17
N LEU A 340 20.68 0.80 6.88
CA LEU A 340 19.59 1.54 6.26
C LEU A 340 20.06 2.34 5.05
N PHE A 341 21.27 2.88 5.11
CA PHE A 341 21.67 3.84 4.08
C PHE A 341 21.82 3.17 2.73
N LEU A 342 22.31 1.93 2.71
CA LEU A 342 22.35 1.20 1.45
C LEU A 342 20.96 1.06 0.85
N LEU A 343 19.97 0.76 1.70
CA LEU A 343 18.61 0.59 1.21
C LEU A 343 18.06 1.89 0.64
N MET A 344 18.23 2.99 1.37
CA MET A 344 17.75 4.27 0.88
C MET A 344 18.44 4.64 -0.42
N CYS A 345 19.74 4.44 -0.49
CA CYS A 345 20.48 4.79 -1.70
C CYS A 345 20.06 3.92 -2.86
N THR A 346 19.81 2.62 -2.63
CA THR A 346 19.45 1.75 -3.75
C THR A 346 18.04 2.02 -4.24
N PHE A 347 17.11 2.31 -3.33
CA PHE A 347 15.79 2.77 -3.78
C PHE A 347 15.93 4.02 -4.64
N ALA A 348 16.76 4.96 -4.18
CA ALA A 348 16.94 6.19 -4.92
C ALA A 348 17.53 5.93 -6.30
N LEU A 349 18.59 5.14 -6.37
CA LEU A 349 19.24 4.95 -7.66
C LEU A 349 18.48 4.01 -8.57
N ILE A 350 17.64 3.12 -8.04
CA ILE A 350 16.73 2.38 -8.92
C ILE A 350 15.75 3.34 -9.54
N ALA A 351 15.21 4.26 -8.73
CA ALA A 351 14.38 5.30 -9.28
C ALA A 351 15.14 6.12 -10.32
N HIS A 352 16.44 6.29 -10.12
CA HIS A 352 17.24 7.06 -11.06
C HIS A 352 17.37 6.34 -12.40
N TRP A 353 17.77 5.07 -12.36
CA TRP A 353 17.86 4.28 -13.58
C TRP A 353 16.54 4.28 -14.34
N LEU A 354 15.43 4.10 -13.62
CA LEU A 354 14.13 4.09 -14.27
C LEU A 354 13.77 5.47 -14.81
N ALA A 355 14.20 6.53 -14.15
CA ALA A 355 13.96 7.85 -14.71
C ALA A 355 14.70 8.02 -16.01
N CYS A 356 15.92 7.50 -16.08
CA CYS A 356 16.69 7.60 -17.31
C CYS A 356 16.05 6.79 -18.44
N ILE A 357 15.55 5.59 -18.12
CA ILE A 357 14.88 4.79 -19.14
C ILE A 357 13.59 5.48 -19.59
N TRP A 358 12.84 6.07 -18.65
CA TRP A 358 11.62 6.78 -19.01
C TRP A 358 11.93 7.94 -19.94
N TYR A 359 13.04 8.64 -19.68
CA TYR A 359 13.41 9.72 -20.57
C TYR A 359 13.83 9.19 -21.93
N ALA A 360 14.57 8.07 -21.95
CA ALA A 360 15.00 7.50 -23.22
C ALA A 360 13.79 7.12 -24.06
N ILE A 361 12.76 6.57 -23.44
CA ILE A 361 11.54 6.22 -24.15
C ILE A 361 10.84 7.48 -24.65
N GLY A 362 10.64 8.45 -23.76
CA GLY A 362 9.94 9.65 -24.15
C GLY A 362 10.63 10.42 -25.26
N ASN A 363 11.95 10.28 -25.36
CA ASN A 363 12.69 10.95 -26.41
C ASN A 363 12.88 10.08 -27.64
N MET A 364 12.72 8.76 -27.51
CA MET A 364 13.01 7.85 -28.60
C MET A 364 11.98 7.93 -29.72
N GLU A 365 10.77 8.42 -29.43
CA GLU A 365 9.70 8.45 -30.40
C GLU A 365 9.45 9.88 -30.84
N GLN A 366 9.89 10.22 -32.06
CA GLN A 366 9.72 11.56 -32.61
C GLN A 366 9.24 11.52 -34.05
N ILE A 373 0.43 13.94 -26.57
CA ILE A 373 0.44 12.77 -27.43
C ILE A 373 1.24 11.65 -26.76
N GLY A 374 2.21 12.04 -25.95
CA GLY A 374 3.01 11.11 -25.17
C GLY A 374 3.04 11.60 -23.74
N TRP A 375 4.20 11.64 -23.11
CA TRP A 375 4.31 12.30 -21.82
C TRP A 375 5.16 13.55 -21.84
N LEU A 376 6.30 13.51 -22.52
CA LEU A 376 7.20 14.64 -22.50
C LEU A 376 6.73 15.74 -23.44
N HIS A 377 6.03 15.37 -24.50
CA HIS A 377 5.36 16.35 -25.34
C HIS A 377 4.05 16.79 -24.75
N ASN A 378 3.80 16.46 -23.50
CA ASN A 378 2.65 16.95 -22.76
C ASN A 378 3.02 17.68 -21.49
N LEU A 379 4.19 17.39 -20.89
CA LEU A 379 4.66 18.14 -19.74
C LEU A 379 4.71 19.63 -20.04
N GLY A 380 5.01 20.00 -21.28
CA GLY A 380 5.16 21.40 -21.62
C GLY A 380 3.92 22.22 -21.38
N ASP A 381 2.77 21.60 -21.12
CA ASP A 381 1.56 22.35 -20.88
C ASP A 381 1.25 22.52 -19.39
N GLN A 382 1.77 21.65 -18.53
CA GLN A 382 1.68 21.89 -17.10
C GLN A 382 2.44 23.16 -16.75
N ILE A 383 3.75 23.16 -16.98
CA ILE A 383 4.58 24.33 -16.76
C ILE A 383 4.41 25.25 -17.97
N GLY A 384 4.93 26.46 -17.88
CA GLY A 384 4.90 27.37 -19.02
C GLY A 384 6.07 27.21 -19.98
N LYS A 385 6.24 26.02 -20.55
CA LYS A 385 7.31 25.75 -21.50
C LYS A 385 6.77 24.86 -22.62
N PRO A 386 5.97 25.43 -23.51
CA PRO A 386 5.27 24.61 -24.50
C PRO A 386 6.05 24.45 -25.80
N TYR A 387 5.74 23.35 -26.49
CA TYR A 387 6.11 23.17 -27.88
C TYR A 387 5.35 21.99 -28.46
N PRO A 395 11.46 23.41 -21.99
CA PRO A 395 11.82 22.41 -20.97
C PRO A 395 13.31 22.21 -20.88
N SER A 396 13.85 22.42 -19.69
CA SER A 396 15.29 22.39 -19.47
C SER A 396 15.77 20.95 -19.42
N ILE A 397 16.99 20.75 -18.93
CA ILE A 397 17.44 19.43 -18.52
C ILE A 397 17.10 19.16 -17.06
N LYS A 398 17.23 20.16 -16.21
CA LYS A 398 16.85 20.00 -14.81
C LYS A 398 15.38 19.66 -14.69
N ASP A 399 14.52 20.37 -15.44
CA ASP A 399 13.09 20.13 -15.35
C ASP A 399 12.74 18.71 -15.75
N LYS A 400 13.24 18.26 -16.90
CA LYS A 400 12.91 16.92 -17.37
C LYS A 400 13.43 15.87 -16.40
N TYR A 401 14.65 16.04 -15.91
CA TYR A 401 15.13 15.02 -14.99
C TYR A 401 14.28 14.99 -13.75
N VAL A 402 13.87 16.15 -13.24
CA VAL A 402 13.18 16.13 -11.96
C VAL A 402 11.75 15.63 -12.11
N THR A 403 11.08 15.90 -13.24
CA THR A 403 9.78 15.29 -13.48
C THR A 403 9.89 13.79 -13.65
N ALA A 404 10.90 13.31 -14.36
CA ALA A 404 11.07 11.88 -14.51
C ALA A 404 11.29 11.22 -13.16
N LEU A 405 12.10 11.82 -12.30
CA LEU A 405 12.27 11.27 -10.97
C LEU A 405 10.96 11.34 -10.18
N TYR A 406 10.20 12.41 -10.38
CA TYR A 406 8.92 12.54 -9.68
C TYR A 406 7.98 11.42 -10.05
N PHE A 407 7.79 11.19 -11.35
CA PHE A 407 6.89 10.13 -11.80
C PHE A 407 7.39 8.76 -11.39
N THR A 408 8.69 8.53 -11.46
CA THR A 408 9.19 7.23 -11.07
C THR A 408 8.93 6.98 -9.60
N PHE A 409 9.07 8.00 -8.77
CA PHE A 409 8.76 7.80 -7.36
C PHE A 409 7.26 7.63 -7.15
N SER A 410 6.44 8.39 -7.88
CA SER A 410 5.00 8.25 -7.77
C SER A 410 4.57 6.81 -8.07
N SER A 411 5.05 6.26 -9.17
CA SER A 411 4.66 4.89 -9.51
C SER A 411 5.30 3.85 -8.61
N LEU A 412 6.52 4.08 -8.14
CA LEU A 412 7.13 3.06 -7.31
C LEU A 412 6.55 3.00 -5.91
N THR A 413 6.02 4.10 -5.40
CA THR A 413 5.43 4.11 -4.06
C THR A 413 3.91 4.11 -4.09
N SER A 414 3.31 3.93 -5.26
CA SER A 414 1.88 3.71 -5.39
C SER A 414 1.08 4.91 -4.94
N VAL A 415 1.37 6.06 -5.51
CA VAL A 415 0.57 7.26 -5.31
C VAL A 415 -0.19 7.64 -6.57
N GLY A 416 0.52 7.92 -7.65
CA GLY A 416 -0.15 8.21 -8.90
C GLY A 416 -0.84 9.55 -8.88
N PHE A 417 -0.05 10.62 -8.92
CA PHE A 417 -0.59 11.95 -8.69
C PHE A 417 -1.52 12.42 -9.79
N GLY A 418 -1.38 11.90 -10.99
CA GLY A 418 -2.31 12.22 -12.05
C GLY A 418 -1.81 13.19 -13.10
N ASN A 419 -0.65 13.81 -12.88
CA ASN A 419 -0.06 14.63 -13.93
C ASN A 419 0.97 13.88 -14.76
N VAL A 420 1.37 12.69 -14.33
CA VAL A 420 2.16 11.78 -15.14
C VAL A 420 1.30 10.55 -15.40
N SER A 421 0.72 10.49 -16.60
CA SER A 421 -0.19 9.41 -16.96
C SER A 421 0.27 8.81 -18.28
N PRO A 422 0.82 7.59 -18.27
CA PRO A 422 1.26 6.97 -19.51
C PRO A 422 0.14 6.92 -20.54
N ASN A 423 0.43 7.35 -21.76
CA ASN A 423 -0.61 7.51 -22.76
C ASN A 423 -0.20 7.02 -24.15
N THR A 424 0.88 6.25 -24.27
CA THR A 424 1.14 5.52 -25.50
C THR A 424 1.69 4.14 -25.15
N ASN A 425 1.56 3.22 -26.11
CA ASN A 425 1.71 1.80 -25.83
C ASN A 425 3.05 1.47 -25.18
N SER A 426 4.13 2.08 -25.67
CA SER A 426 5.43 1.86 -25.06
C SER A 426 5.42 2.28 -23.60
N GLU A 427 4.86 3.45 -23.32
CA GLU A 427 4.79 3.93 -21.95
C GLU A 427 3.92 3.02 -21.11
N LYS A 428 2.80 2.55 -21.64
CA LYS A 428 1.90 1.70 -20.87
C LYS A 428 2.58 0.40 -20.50
N ILE A 429 3.32 -0.20 -21.43
CA ILE A 429 3.99 -1.46 -21.09
C ILE A 429 5.12 -1.21 -20.11
N PHE A 430 5.84 -0.10 -20.28
CA PHE A 430 6.84 0.23 -19.28
C PHE A 430 6.21 0.43 -17.92
N SER A 431 4.98 0.93 -17.89
CA SER A 431 4.29 1.14 -16.62
C SER A 431 3.88 -0.19 -16.01
N ILE A 432 3.45 -1.14 -16.84
CA ILE A 432 3.21 -2.49 -16.33
C ILE A 432 4.46 -3.00 -15.64
N CYS A 433 5.61 -2.80 -16.29
CA CYS A 433 6.86 -3.29 -15.72
C CYS A 433 7.21 -2.56 -14.42
N VAL A 434 7.06 -1.24 -14.39
CA VAL A 434 7.42 -0.50 -13.18
C VAL A 434 6.47 -0.85 -12.05
N MET A 435 5.19 -1.09 -12.34
CA MET A 435 4.26 -1.43 -11.27
C MET A 435 4.53 -2.82 -10.74
N LEU A 436 4.92 -3.75 -11.61
CA LEU A 436 5.31 -5.07 -11.12
C LEU A 436 6.55 -4.96 -10.24
N ILE A 437 7.58 -4.26 -10.72
CA ILE A 437 8.78 -4.14 -9.92
C ILE A 437 8.51 -3.36 -8.65
N GLY A 438 7.52 -2.47 -8.66
CA GLY A 438 7.17 -1.74 -7.45
C GLY A 438 6.45 -2.61 -6.44
N SER A 439 5.49 -3.42 -6.91
CA SER A 439 4.87 -4.40 -6.04
C SER A 439 5.91 -5.35 -5.46
N LEU A 440 6.99 -5.59 -6.20
CA LEU A 440 8.08 -6.38 -5.64
C LEU A 440 8.87 -5.59 -4.61
N MET A 441 9.22 -4.35 -4.94
CA MET A 441 10.17 -3.59 -4.15
C MET A 441 9.52 -3.06 -2.87
N TYR A 442 8.44 -2.30 -3.00
CA TYR A 442 7.74 -1.78 -1.83
C TYR A 442 7.44 -2.89 -0.84
N ALA A 443 7.28 -4.13 -1.32
CA ALA A 443 7.11 -5.26 -0.42
C ALA A 443 8.44 -5.63 0.23
N SER A 444 9.43 -6.00 -0.58
CA SER A 444 10.68 -6.55 -0.06
C SER A 444 11.43 -5.53 0.78
N ILE A 445 11.82 -4.41 0.15
CA ILE A 445 12.63 -3.41 0.82
C ILE A 445 11.96 -2.90 2.07
N PHE A 446 10.64 -2.78 2.07
CA PHE A 446 10.00 -2.14 3.20
C PHE A 446 9.60 -3.12 4.30
N GLY A 447 9.44 -4.40 3.98
CA GLY A 447 9.55 -5.39 5.03
C GLY A 447 10.92 -5.37 5.66
N ASN A 448 11.95 -5.13 4.85
CA ASN A 448 13.29 -5.02 5.40
C ASN A 448 13.42 -3.82 6.32
N VAL A 449 12.80 -2.71 5.94
CA VAL A 449 12.79 -1.53 6.81
C VAL A 449 12.07 -1.84 8.10
N SER A 450 10.93 -2.55 8.03
CA SER A 450 10.22 -2.93 9.23
C SER A 450 11.10 -3.78 10.15
N ALA A 451 11.83 -4.74 9.57
CA ALA A 451 12.70 -5.59 10.38
C ALA A 451 13.84 -4.80 11.00
N ILE A 452 14.45 -3.89 10.24
CA ILE A 452 15.54 -3.10 10.78
C ILE A 452 15.04 -2.25 11.94
N ILE A 453 13.89 -1.62 11.77
CA ILE A 453 13.32 -0.84 12.86
C ILE A 453 13.00 -1.74 14.05
N GLN A 454 12.65 -3.00 13.80
CA GLN A 454 12.39 -3.92 14.89
C GLN A 454 13.66 -4.20 15.69
N ARG A 455 14.77 -4.45 14.98
CA ARG A 455 16.02 -4.86 15.64
C ARG A 455 16.44 -3.86 16.71
N LEU A 456 16.59 -2.60 16.32
CA LEU A 456 17.00 -1.55 17.25
C LEU A 456 15.98 -1.36 18.35
N PRO B 195 1.68 10.14 45.91
CA PRO B 195 2.16 10.12 44.52
C PRO B 195 1.53 11.22 43.65
N PHE B 196 2.32 12.22 43.32
CA PHE B 196 1.87 13.35 42.49
C PHE B 196 2.80 13.64 41.32
N LYS B 197 4.05 13.22 41.38
CA LYS B 197 5.00 13.45 40.29
C LYS B 197 4.45 12.96 38.96
N ALA B 198 3.87 11.76 38.94
CA ALA B 198 3.38 11.18 37.70
C ALA B 198 2.21 11.96 37.14
N VAL B 199 1.25 12.31 37.99
CA VAL B 199 0.12 13.12 37.53
C VAL B 199 0.61 14.42 36.94
N TRP B 200 1.56 15.08 37.61
CA TRP B 200 2.08 16.35 37.11
C TRP B 200 2.78 16.17 35.77
N ASP B 201 3.54 15.08 35.63
CA ASP B 201 4.21 14.82 34.36
C ASP B 201 3.20 14.66 33.23
N TRP B 202 2.08 13.98 33.49
CA TRP B 202 1.09 13.84 32.42
C TRP B 202 0.43 15.17 32.10
N LEU B 203 0.22 16.02 33.10
CA LEU B 203 -0.27 17.37 32.82
C LEU B 203 0.68 18.11 31.91
N ILE B 204 1.99 18.03 32.21
CA ILE B 204 2.93 18.75 31.36
C ILE B 204 3.02 18.11 29.98
N LEU B 205 2.73 16.81 29.87
CA LEU B 205 2.73 16.19 28.54
C LEU B 205 1.60 16.74 27.69
N LEU B 206 0.41 16.85 28.27
CA LEU B 206 -0.65 17.57 27.57
C LEU B 206 -0.17 18.96 27.17
N LEU B 207 0.56 19.63 28.06
CA LEU B 207 0.98 20.99 27.76
C LEU B 207 2.00 21.04 26.61
N VAL B 208 2.92 20.08 26.56
CA VAL B 208 3.91 20.11 25.50
C VAL B 208 3.29 19.74 24.16
N ILE B 209 2.30 18.85 24.17
CA ILE B 209 1.55 18.61 22.93
C ILE B 209 0.86 19.90 22.50
N TYR B 210 0.34 20.65 23.46
CA TYR B 210 -0.24 21.95 23.11
C TYR B 210 0.79 22.83 22.42
N THR B 211 1.99 22.90 22.99
CA THR B 211 3.04 23.73 22.41
C THR B 211 3.35 23.31 20.98
N ALA B 212 3.61 22.02 20.78
CA ALA B 212 4.01 21.55 19.46
C ALA B 212 2.89 21.69 18.44
N VAL B 213 1.65 21.69 18.89
CA VAL B 213 0.54 21.86 17.95
C VAL B 213 0.38 23.31 17.55
N PHE B 214 0.43 24.22 18.51
CA PHE B 214 0.08 25.61 18.19
C PHE B 214 1.27 26.51 17.93
N THR B 215 2.50 26.01 18.04
CA THR B 215 3.64 26.86 17.73
C THR B 215 3.93 27.00 16.24
N PRO B 216 4.13 25.90 15.48
CA PRO B 216 4.50 26.09 14.07
C PRO B 216 3.39 26.72 13.27
N TYR B 217 2.14 26.38 13.59
CA TYR B 217 1.02 27.04 12.95
C TYR B 217 1.10 28.54 13.16
N SER B 218 1.39 28.97 14.39
CA SER B 218 1.48 30.39 14.67
C SER B 218 2.63 31.04 13.91
N ALA B 219 3.74 30.31 13.77
CA ALA B 219 4.88 30.89 13.07
C ALA B 219 4.59 31.06 11.58
N ALA B 220 3.99 30.06 10.95
CA ALA B 220 3.90 29.99 9.49
C ALA B 220 2.61 30.57 8.93
N PHE B 221 1.47 30.17 9.48
CA PHE B 221 0.21 30.71 8.96
C PHE B 221 -0.09 32.09 9.53
N LEU B 222 0.31 32.34 10.77
CA LEU B 222 0.02 33.60 11.44
C LEU B 222 1.22 34.53 11.36
N VAL B 245 -4.03 33.16 26.72
CA VAL B 245 -3.87 31.79 26.27
C VAL B 245 -2.40 31.37 26.23
N ASP B 246 -1.54 32.28 25.77
CA ASP B 246 -0.12 32.01 25.66
C ASP B 246 0.57 32.11 27.02
N LEU B 247 0.18 33.09 27.83
CA LEU B 247 0.89 33.33 29.08
C LEU B 247 0.59 32.25 30.10
N ILE B 248 -0.64 31.77 30.15
CA ILE B 248 -1.04 30.80 31.17
C ILE B 248 -0.21 29.53 31.07
N VAL B 249 0.17 29.15 29.86
CA VAL B 249 1.03 27.98 29.68
C VAL B 249 2.50 28.35 29.80
N ASP B 250 2.88 29.58 29.45
CA ASP B 250 4.29 29.94 29.59
C ASP B 250 4.69 30.08 31.04
N ILE B 251 3.77 30.49 31.91
CA ILE B 251 4.07 30.53 33.34
C ILE B 251 4.31 29.13 33.87
N MET B 252 3.47 28.18 33.47
CA MET B 252 3.68 26.80 33.89
C MET B 252 5.00 26.26 33.35
N PHE B 253 5.32 26.58 32.11
CA PHE B 253 6.54 26.06 31.52
C PHE B 253 7.80 26.78 31.98
N ILE B 254 7.67 27.94 32.62
CA ILE B 254 8.85 28.55 33.23
C ILE B 254 9.01 28.12 34.69
N VAL B 255 7.90 27.92 35.41
CA VAL B 255 8.00 27.32 36.74
C VAL B 255 8.36 25.85 36.66
N ASP B 256 8.22 25.26 35.47
CA ASP B 256 8.82 23.97 35.20
C ASP B 256 10.27 23.94 35.65
N ILE B 257 11.00 25.04 35.44
CA ILE B 257 12.43 25.04 35.76
C ILE B 257 12.63 24.99 37.27
N LEU B 258 11.84 25.74 38.04
CA LEU B 258 11.90 25.64 39.49
C LEU B 258 11.53 24.23 39.94
N ILE B 259 10.56 23.62 39.28
CA ILE B 259 10.19 22.24 39.61
C ILE B 259 11.38 21.32 39.41
N ASN B 260 12.08 21.47 38.28
CA ASN B 260 13.30 20.71 38.06
C ASN B 260 14.34 21.00 39.12
N PHE B 261 14.35 22.23 39.64
CA PHE B 261 15.27 22.55 40.73
C PHE B 261 14.94 21.76 41.99
N ARG B 262 13.66 21.71 42.36
CA ARG B 262 13.27 20.94 43.52
C ARG B 262 13.25 19.44 43.24
N THR B 263 13.06 19.05 41.98
CA THR B 263 12.86 17.65 41.64
C THR B 263 14.06 16.81 42.04
N THR B 264 13.79 15.62 42.55
CA THR B 264 14.81 14.70 43.01
C THR B 264 15.35 13.87 41.86
N TYR B 265 16.17 12.88 42.17
CA TYR B 265 16.76 11.97 41.19
C TYR B 265 17.46 10.85 41.95
N VAL B 266 17.75 9.75 41.24
CA VAL B 266 18.50 8.65 41.79
C VAL B 266 19.84 8.59 41.06
N ASN B 267 20.89 8.24 41.79
CA ASN B 267 22.20 8.06 41.18
C ASN B 267 22.40 6.60 40.83
N ALA B 268 23.50 6.29 40.16
CA ALA B 268 23.79 4.91 39.78
C ALA B 268 23.85 4.02 41.02
N ASN B 269 24.79 4.30 41.91
CA ASN B 269 24.92 3.57 43.17
C ASN B 269 24.28 4.35 44.31
N GLU B 270 24.71 5.59 44.53
CA GLU B 270 24.22 6.38 45.65
C GLU B 270 22.77 6.77 45.44
N GLU B 271 21.85 5.85 45.74
CA GLU B 271 20.43 6.08 45.54
C GLU B 271 19.88 7.12 46.50
N ILE B 279 21.43 18.47 42.68
CA ILE B 279 20.32 19.00 41.90
C ILE B 279 20.76 20.24 41.13
N ALA B 280 21.68 21.01 41.71
CA ALA B 280 22.16 22.21 41.03
C ALA B 280 22.90 21.86 39.76
N VAL B 281 24.04 21.18 39.89
CA VAL B 281 24.79 20.75 38.72
C VAL B 281 23.99 19.75 37.91
N HIS B 282 23.06 19.03 38.56
CA HIS B 282 22.25 18.04 37.86
C HIS B 282 21.49 18.67 36.70
N TYR B 283 20.63 19.65 36.99
CA TYR B 283 19.93 20.33 35.92
C TYR B 283 20.85 21.26 35.13
N PHE B 284 21.89 21.79 35.78
CA PHE B 284 22.83 22.64 35.06
C PHE B 284 23.49 21.89 33.91
N LYS B 285 23.60 20.57 34.02
CA LYS B 285 24.21 19.75 32.98
C LYS B 285 23.22 18.89 32.19
N GLY B 286 22.01 18.70 32.67
CA GLY B 286 21.05 17.92 31.93
C GLY B 286 20.61 18.63 30.67
N TRP B 287 19.82 19.70 30.82
CA TRP B 287 19.42 20.55 29.69
C TRP B 287 19.16 21.94 30.26
N PHE B 288 20.13 22.84 30.13
CA PHE B 288 19.86 24.24 30.45
C PHE B 288 20.13 25.17 29.29
N LEU B 289 21.27 25.05 28.63
CA LEU B 289 21.57 25.91 27.49
C LEU B 289 20.59 25.71 26.34
N ILE B 290 19.61 24.82 26.51
CA ILE B 290 18.57 24.62 25.52
C ILE B 290 17.18 24.89 26.07
N ASP B 291 17.01 24.99 27.39
CA ASP B 291 15.71 25.29 27.95
C ASP B 291 15.46 26.79 27.95
N MET B 292 16.36 27.56 28.55
CA MET B 292 16.13 28.98 28.74
C MET B 292 16.04 29.72 27.41
N VAL B 293 16.76 29.26 26.39
CA VAL B 293 16.72 29.94 25.09
C VAL B 293 15.31 29.99 24.54
N ALA B 294 14.51 28.96 24.81
CA ALA B 294 13.10 28.96 24.44
C ALA B 294 12.22 29.51 25.54
N ALA B 295 12.66 29.43 26.79
CA ALA B 295 11.88 29.87 27.94
C ALA B 295 12.08 31.35 28.23
N ILE B 296 11.92 32.18 27.20
CA ILE B 296 12.08 33.63 27.36
C ILE B 296 10.91 34.36 26.72
N PRO B 297 10.08 35.06 27.51
CA PRO B 297 9.04 35.93 26.95
C PRO B 297 9.63 37.22 26.37
N GLY B 312 7.93 38.64 14.17
CA GLY B 312 8.83 37.87 15.00
C GLY B 312 8.86 36.39 14.69
N LEU B 313 10.05 35.87 14.39
CA LEU B 313 10.22 34.46 14.11
C LEU B 313 11.08 33.75 15.14
N LEU B 314 11.95 34.48 15.85
CA LEU B 314 12.86 33.90 16.83
C LEU B 314 12.12 33.05 17.87
N LYS B 315 10.82 33.22 18.01
CA LYS B 315 10.03 32.43 18.96
C LYS B 315 10.08 30.95 18.65
N THR B 316 10.42 30.56 17.41
CA THR B 316 10.33 29.17 17.01
C THR B 316 11.12 28.24 17.93
N ALA B 317 12.17 28.75 18.56
CA ALA B 317 12.99 27.90 19.42
C ALA B 317 12.17 27.24 20.51
N ARG B 318 10.95 27.72 20.76
CA ARG B 318 10.07 27.09 21.72
C ARG B 318 9.94 25.60 21.46
N LEU B 319 10.08 25.17 20.20
CA LEU B 319 9.95 23.77 19.86
C LEU B 319 10.87 22.88 20.67
N LEU B 320 11.94 23.45 21.25
CA LEU B 320 12.85 22.63 22.04
C LEU B 320 12.14 21.99 23.22
N ARG B 321 11.07 22.61 23.71
CA ARG B 321 10.29 22.00 24.77
C ARG B 321 9.90 20.57 24.46
N LEU B 322 9.91 20.18 23.18
CA LEU B 322 9.57 18.82 22.81
C LEU B 322 10.42 17.82 23.56
N VAL B 323 11.72 18.09 23.71
CA VAL B 323 12.59 17.11 24.32
C VAL B 323 12.16 16.81 25.75
N ARG B 324 11.30 17.67 26.31
CA ARG B 324 10.74 17.43 27.64
C ARG B 324 10.09 16.05 27.72
N VAL B 325 9.35 15.66 26.68
CA VAL B 325 8.73 14.34 26.73
C VAL B 325 9.80 13.26 26.54
N ALA B 326 10.84 13.57 25.76
CA ALA B 326 11.87 12.58 25.44
C ALA B 326 12.47 11.97 26.71
N ARG B 327 12.73 12.80 27.71
CA ARG B 327 13.30 12.29 28.95
C ARG B 327 12.31 11.42 29.72
N LYS B 328 11.03 11.82 29.74
CA LYS B 328 10.10 11.37 30.75
C LYS B 328 9.30 10.13 30.36
N LEU B 329 9.63 9.51 29.24
CA LEU B 329 8.95 8.28 28.85
C LEU B 329 9.42 7.11 29.71
N TYR B 335 1.10 2.51 28.48
CA TYR B 335 -0.04 1.64 28.22
C TYR B 335 -0.35 1.60 26.74
N GLY B 336 -0.95 0.50 26.30
CA GLY B 336 -1.36 0.40 24.91
C GLY B 336 -2.26 1.54 24.48
N ALA B 337 -3.29 1.81 25.29
CA ALA B 337 -4.17 2.93 25.02
C ALA B 337 -3.46 4.27 25.20
N ALA B 338 -2.22 4.27 25.68
CA ALA B 338 -1.41 5.48 25.71
C ALA B 338 -0.41 5.54 24.55
N VAL B 339 0.28 4.44 24.26
CA VAL B 339 1.27 4.47 23.19
C VAL B 339 0.59 4.61 21.83
N LEU B 340 -0.59 4.02 21.67
CA LEU B 340 -1.30 4.16 20.40
C LEU B 340 -1.72 5.62 20.18
N PHE B 341 -2.23 6.27 21.23
CA PHE B 341 -2.54 7.69 21.12
C PHE B 341 -1.28 8.50 20.83
N LEU B 342 -0.17 8.12 21.46
CA LEU B 342 1.09 8.80 21.19
C LEU B 342 1.45 8.74 19.71
N LEU B 343 1.41 7.53 19.13
CA LEU B 343 1.81 7.37 17.73
C LEU B 343 0.87 8.11 16.80
N MET B 344 -0.43 8.04 17.06
CA MET B 344 -1.35 8.80 16.24
C MET B 344 -1.09 10.30 16.37
N CYS B 345 -0.61 10.74 17.54
CA CYS B 345 -0.26 12.14 17.71
C CYS B 345 0.99 12.50 16.92
N THR B 346 1.98 11.61 16.89
CA THR B 346 3.15 11.87 16.06
C THR B 346 2.74 12.00 14.60
N PHE B 347 1.85 11.13 14.13
CA PHE B 347 1.43 11.20 12.75
C PHE B 347 0.68 12.50 12.45
N ALA B 348 -0.24 12.88 13.32
CA ALA B 348 -0.98 14.12 13.08
C ALA B 348 -0.05 15.33 13.17
N LEU B 349 0.92 15.30 14.08
CA LEU B 349 1.85 16.41 14.18
C LEU B 349 2.71 16.51 12.92
N ILE B 350 3.19 15.37 12.42
CA ILE B 350 4.02 15.40 11.23
C ILE B 350 3.23 15.93 10.05
N ALA B 351 1.98 15.50 9.93
CA ALA B 351 1.13 16.05 8.89
C ALA B 351 0.97 17.56 9.06
N HIS B 352 0.89 18.03 10.29
CA HIS B 352 0.74 19.48 10.50
C HIS B 352 2.00 20.24 10.10
N TRP B 353 3.17 19.77 10.54
CA TRP B 353 4.42 20.42 10.19
C TRP B 353 4.61 20.47 8.68
N LEU B 354 4.37 19.34 8.01
CA LEU B 354 4.50 19.34 6.56
C LEU B 354 3.44 20.22 5.90
N ALA B 355 2.27 20.34 6.52
CA ALA B 355 1.27 21.24 5.96
C ALA B 355 1.76 22.67 5.98
N CYS B 356 2.38 23.08 7.08
CA CYS B 356 2.83 24.47 7.13
C CYS B 356 4.07 24.68 6.26
N ILE B 357 4.95 23.69 6.14
CA ILE B 357 6.06 23.83 5.20
C ILE B 357 5.52 24.00 3.79
N TRP B 358 4.51 23.20 3.43
CA TRP B 358 3.92 23.31 2.11
C TRP B 358 3.28 24.67 1.92
N TYR B 359 2.70 25.21 2.98
CA TYR B 359 2.13 26.55 2.86
C TYR B 359 3.23 27.58 2.61
N ALA B 360 4.34 27.47 3.34
CA ALA B 360 5.45 28.38 3.10
C ALA B 360 5.91 28.30 1.65
N ILE B 361 6.18 27.08 1.17
CA ILE B 361 6.66 26.86 -0.18
C ILE B 361 5.69 27.45 -1.19
N GLY B 362 4.40 27.19 -1.02
CA GLY B 362 3.43 27.75 -1.94
C GLY B 362 3.28 29.25 -1.81
N ASN B 363 3.74 29.84 -0.72
CA ASN B 363 3.66 31.29 -0.57
C ASN B 363 4.91 32.02 -1.05
N MET B 364 6.05 31.34 -1.13
CA MET B 364 7.29 31.96 -1.59
C MET B 364 7.26 32.32 -3.07
N GLU B 365 6.15 32.12 -3.76
CA GLU B 365 6.12 32.32 -5.21
C GLU B 365 4.81 33.01 -5.58
N GLN B 366 4.87 34.32 -5.77
CA GLN B 366 3.71 35.03 -6.29
C GLN B 366 4.11 36.05 -7.37
N PRO B 367 4.89 35.66 -8.39
CA PRO B 367 5.20 36.66 -9.40
C PRO B 367 4.14 36.70 -10.49
N GLY B 374 1.78 27.22 -9.68
CA GLY B 374 1.95 26.70 -8.33
C GLY B 374 0.74 25.89 -7.91
N TRP B 375 0.48 25.82 -6.61
CA TRP B 375 -0.74 25.18 -6.12
C TRP B 375 -1.73 26.14 -5.51
N LEU B 376 -1.28 27.23 -4.93
CA LEU B 376 -2.21 28.18 -4.34
C LEU B 376 -3.11 28.79 -5.41
N HIS B 377 -2.50 29.40 -6.43
CA HIS B 377 -3.30 29.89 -7.55
C HIS B 377 -4.09 28.76 -8.19
N ASN B 378 -3.59 27.53 -8.09
CA ASN B 378 -4.25 26.34 -8.60
C ASN B 378 -5.15 25.70 -7.57
N LEU B 379 -5.47 26.40 -6.48
CA LEU B 379 -6.48 25.96 -5.52
C LEU B 379 -7.74 26.80 -5.59
N GLY B 380 -7.61 28.12 -5.50
CA GLY B 380 -8.75 28.98 -5.39
C GLY B 380 -9.72 28.87 -6.54
N ASP B 381 -9.41 28.03 -7.52
CA ASP B 381 -10.28 27.91 -8.67
C ASP B 381 -11.26 26.75 -8.56
N GLN B 382 -10.90 25.66 -7.88
CA GLN B 382 -11.88 24.64 -7.55
C GLN B 382 -12.97 25.22 -6.65
N ILE B 383 -12.58 25.60 -5.44
CA ILE B 383 -13.46 26.32 -4.54
C ILE B 383 -13.86 27.64 -5.16
N GLY B 384 -15.10 28.05 -4.95
CA GLY B 384 -15.61 29.24 -5.62
C GLY B 384 -15.14 30.56 -5.05
N LYS B 385 -13.84 30.71 -4.80
CA LYS B 385 -13.25 31.97 -4.36
C LYS B 385 -12.04 32.26 -5.24
N PRO B 386 -12.27 32.58 -6.51
CA PRO B 386 -11.17 32.58 -7.47
C PRO B 386 -10.20 33.73 -7.26
N TYR B 387 -8.92 33.41 -7.32
CA TYR B 387 -7.89 34.44 -7.43
C TYR B 387 -6.61 33.87 -8.00
N PRO B 395 -10.08 33.10 -0.43
CA PRO B 395 -9.26 32.05 0.17
C PRO B 395 -8.89 32.37 1.62
N SER B 396 -9.78 32.04 2.55
CA SER B 396 -9.51 32.30 3.96
C SER B 396 -8.39 31.40 4.45
N ILE B 397 -7.98 31.61 5.69
CA ILE B 397 -6.97 30.75 6.28
C ILE B 397 -7.56 29.38 6.60
N LYS B 398 -8.88 29.29 6.78
CA LYS B 398 -9.49 27.99 7.00
C LYS B 398 -9.28 27.08 5.80
N ASP B 399 -9.66 27.55 4.61
CA ASP B 399 -9.45 26.74 3.42
C ASP B 399 -7.97 26.43 3.25
N LYS B 400 -7.14 27.46 3.06
CA LYS B 400 -5.74 27.25 2.77
C LYS B 400 -5.06 26.37 3.80
N TYR B 401 -5.61 26.28 5.00
CA TYR B 401 -5.02 25.30 5.90
C TYR B 401 -5.59 23.93 5.68
N VAL B 402 -6.89 23.85 5.41
CA VAL B 402 -7.50 22.53 5.41
C VAL B 402 -7.12 21.76 4.15
N THR B 403 -6.96 22.45 3.00
CA THR B 403 -6.48 21.74 1.83
C THR B 403 -5.01 21.37 1.97
N ALA B 404 -4.25 22.15 2.73
CA ALA B 404 -2.87 21.77 2.99
C ALA B 404 -2.81 20.49 3.79
N LEU B 405 -3.57 20.42 4.87
CA LEU B 405 -3.57 19.18 5.63
C LEU B 405 -4.15 18.04 4.82
N TYR B 406 -5.13 18.34 3.97
CA TYR B 406 -5.73 17.33 3.09
C TYR B 406 -4.70 16.73 2.15
N PHE B 407 -3.97 17.57 1.42
CA PHE B 407 -2.95 17.06 0.51
C PHE B 407 -1.85 16.33 1.27
N THR B 408 -1.44 16.85 2.41
CA THR B 408 -0.37 16.20 3.13
C THR B 408 -0.79 14.81 3.59
N PHE B 409 -2.03 14.69 4.07
CA PHE B 409 -2.52 13.36 4.44
C PHE B 409 -2.67 12.46 3.22
N SER B 410 -3.14 13.03 2.11
CA SER B 410 -3.23 12.26 0.88
C SER B 410 -1.90 11.63 0.55
N SER B 411 -0.89 12.45 0.33
CA SER B 411 0.41 11.93 -0.06
C SER B 411 1.02 11.04 1.01
N LEU B 412 0.77 11.30 2.28
CA LEU B 412 1.42 10.50 3.31
C LEU B 412 0.79 9.13 3.47
N THR B 413 -0.51 9.02 3.26
CA THR B 413 -1.19 7.73 3.33
C THR B 413 -1.18 6.99 1.99
N SER B 414 -0.68 7.63 0.94
CA SER B 414 -0.50 7.03 -0.39
C SER B 414 -1.83 6.87 -1.11
N VAL B 415 -2.64 7.93 -1.12
CA VAL B 415 -3.90 7.91 -1.87
C VAL B 415 -3.76 8.72 -3.15
N GLY B 416 -3.49 10.01 -3.04
CA GLY B 416 -3.31 10.81 -4.24
C GLY B 416 -4.60 11.16 -4.93
N PHE B 417 -5.39 12.04 -4.32
CA PHE B 417 -6.76 12.21 -4.74
C PHE B 417 -6.89 12.89 -6.10
N GLY B 418 -5.96 13.77 -6.45
CA GLY B 418 -5.98 14.37 -7.77
C GLY B 418 -6.43 15.81 -7.85
N ASN B 419 -6.78 16.46 -6.74
CA ASN B 419 -6.98 17.90 -6.77
C ASN B 419 -5.64 18.62 -6.66
N VAL B 420 -4.93 18.36 -5.56
CA VAL B 420 -3.59 18.88 -5.35
C VAL B 420 -2.63 18.13 -6.25
N SER B 421 -1.87 18.86 -7.04
CA SER B 421 -0.87 18.22 -7.87
C SER B 421 0.34 19.13 -7.96
N PRO B 422 1.49 18.73 -7.42
CA PRO B 422 2.69 19.55 -7.55
C PRO B 422 2.99 19.87 -9.00
N ASN B 423 3.19 21.15 -9.28
CA ASN B 423 3.27 21.62 -10.65
C ASN B 423 4.31 22.71 -10.83
N THR B 424 5.35 22.72 -10.00
CA THR B 424 6.44 23.68 -10.11
C THR B 424 7.62 23.14 -9.34
N ASN B 425 8.81 23.21 -9.94
CA ASN B 425 9.90 22.31 -9.59
C ASN B 425 10.15 22.22 -8.08
N SER B 426 10.02 23.35 -7.37
CA SER B 426 10.18 23.30 -5.92
C SER B 426 9.13 22.42 -5.28
N GLU B 427 7.87 22.55 -5.71
CA GLU B 427 6.84 21.66 -5.22
C GLU B 427 7.18 20.21 -5.50
N LYS B 428 7.64 19.91 -6.73
CA LYS B 428 7.92 18.53 -7.09
C LYS B 428 9.04 17.95 -6.23
N ILE B 429 10.04 18.76 -5.92
CA ILE B 429 11.09 18.27 -5.02
C ILE B 429 10.53 18.05 -3.64
N PHE B 430 9.65 18.93 -3.20
CA PHE B 430 9.01 18.71 -1.91
C PHE B 430 8.26 17.37 -1.93
N SER B 431 7.62 17.06 -3.05
CA SER B 431 6.88 15.81 -3.14
C SER B 431 7.82 14.62 -3.08
N ILE B 432 8.95 14.68 -3.78
CA ILE B 432 9.95 13.62 -3.67
C ILE B 432 10.27 13.39 -2.20
N CYS B 433 10.47 14.48 -1.46
CA CYS B 433 10.87 14.36 -0.07
C CYS B 433 9.77 13.76 0.80
N VAL B 434 8.53 14.25 0.64
CA VAL B 434 7.45 13.77 1.49
C VAL B 434 7.16 12.30 1.19
N MET B 435 7.21 11.90 -0.08
CA MET B 435 7.00 10.50 -0.42
C MET B 435 8.12 9.64 0.13
N LEU B 436 9.34 10.16 0.14
CA LEU B 436 10.44 9.41 0.71
C LEU B 436 10.24 9.19 2.20
N ILE B 437 9.88 10.23 2.94
CA ILE B 437 9.64 10.04 4.37
C ILE B 437 8.33 9.31 4.60
N GLY B 438 7.30 9.63 3.81
CA GLY B 438 6.02 8.97 3.99
C GLY B 438 6.12 7.46 3.84
N SER B 439 6.80 7.02 2.78
CA SER B 439 7.08 5.60 2.62
C SER B 439 7.81 5.07 3.85
N LEU B 440 8.65 5.89 4.46
CA LEU B 440 9.28 5.48 5.70
C LEU B 440 8.31 5.52 6.87
N MET B 441 7.39 6.49 6.88
CA MET B 441 6.45 6.59 7.99
C MET B 441 5.48 5.42 7.98
N TYR B 442 4.84 5.18 6.84
CA TYR B 442 3.93 4.05 6.72
C TYR B 442 4.64 2.74 7.03
N ALA B 443 5.94 2.66 6.76
CA ALA B 443 6.73 1.47 7.04
C ALA B 443 7.45 1.55 8.38
N SER B 444 7.29 2.63 9.12
CA SER B 444 7.76 2.69 10.50
C SER B 444 6.62 2.85 11.48
N ILE B 445 5.72 3.80 11.26
CA ILE B 445 4.60 4.01 12.16
C ILE B 445 3.69 2.80 12.18
N PHE B 446 3.11 2.47 11.03
CA PHE B 446 2.23 1.31 10.96
C PHE B 446 3.00 0.00 11.01
N GLY B 447 4.27 0.05 11.38
CA GLY B 447 4.98 -1.12 11.84
C GLY B 447 4.78 -1.43 13.30
N ASN B 448 3.97 -0.62 13.99
CA ASN B 448 3.63 -0.84 15.39
C ASN B 448 2.14 -1.04 15.62
N VAL B 449 1.29 -0.29 14.92
CA VAL B 449 -0.15 -0.51 15.01
C VAL B 449 -0.51 -1.91 14.56
N SER B 450 0.24 -2.47 13.61
CA SER B 450 0.07 -3.84 13.16
C SER B 450 1.05 -4.80 13.83
N ALA B 451 1.63 -4.42 14.97
CA ALA B 451 2.60 -5.27 15.63
C ALA B 451 2.32 -5.46 17.12
N ILE B 452 1.70 -4.46 17.75
CA ILE B 452 1.41 -4.57 19.17
C ILE B 452 0.12 -5.33 19.41
N ILE B 453 -0.75 -5.41 18.40
CA ILE B 453 -2.10 -5.89 18.59
C ILE B 453 -2.15 -7.29 19.19
N GLN B 454 -1.10 -8.09 19.01
CA GLN B 454 -1.06 -9.38 19.69
C GLN B 454 -1.10 -9.22 21.21
N ARG B 455 -0.59 -8.09 21.71
CA ARG B 455 -0.65 -7.81 23.15
C ARG B 455 -2.04 -7.37 23.58
N LEU B 456 -2.86 -6.90 22.65
CA LEU B 456 -4.20 -6.40 22.97
C LEU B 456 -5.25 -7.05 22.08
N HIS C 192 -26.84 -24.51 27.21
CA HIS C 192 -26.06 -23.68 26.30
C HIS C 192 -25.24 -24.54 25.35
N TYR C 193 -25.52 -25.84 25.32
CA TYR C 193 -24.78 -26.81 24.52
C TYR C 193 -25.74 -27.70 23.74
N SER C 194 -26.71 -27.10 23.08
CA SER C 194 -27.75 -27.87 22.44
C SER C 194 -27.52 -27.98 20.94
N PRO C 195 -28.10 -28.99 20.29
CA PRO C 195 -28.23 -28.98 18.84
C PRO C 195 -29.35 -28.08 18.31
N PHE C 196 -29.89 -27.21 19.15
CA PHE C 196 -30.87 -26.20 18.76
C PHE C 196 -30.39 -24.78 19.01
N LYS C 197 -29.74 -24.53 20.15
CA LYS C 197 -29.22 -23.21 20.46
C LYS C 197 -28.26 -22.75 19.37
N ALA C 198 -27.42 -23.64 18.86
CA ALA C 198 -26.46 -23.26 17.84
C ALA C 198 -27.17 -22.75 16.59
N VAL C 199 -28.10 -23.53 16.05
CA VAL C 199 -28.73 -23.15 14.80
C VAL C 199 -29.56 -21.89 14.98
N TRP C 200 -30.25 -21.77 16.11
CA TRP C 200 -31.07 -20.57 16.29
C TRP C 200 -30.21 -19.34 16.53
N ASP C 201 -29.06 -19.51 17.17
CA ASP C 201 -28.16 -18.38 17.38
C ASP C 201 -27.56 -17.90 16.06
N TRP C 202 -27.16 -18.82 15.19
CA TRP C 202 -26.71 -18.40 13.87
C TRP C 202 -27.85 -17.77 13.09
N LEU C 203 -29.09 -18.20 13.33
CA LEU C 203 -30.21 -17.56 12.67
C LEU C 203 -30.40 -16.12 13.14
N ILE C 204 -30.31 -15.88 14.44
CA ILE C 204 -30.42 -14.50 14.88
C ILE C 204 -29.19 -13.70 14.43
N LEU C 205 -28.06 -14.36 14.20
CA LEU C 205 -26.92 -13.66 13.62
C LEU C 205 -27.25 -13.14 12.23
N LEU C 206 -27.76 -14.01 11.37
CA LEU C 206 -28.15 -13.54 10.05
C LEU C 206 -29.19 -12.44 10.13
N LEU C 207 -30.11 -12.54 11.10
CA LEU C 207 -31.12 -11.50 11.21
C LEU C 207 -30.53 -10.17 11.68
N VAL C 208 -29.54 -10.21 12.58
CA VAL C 208 -28.98 -8.95 13.04
C VAL C 208 -28.11 -8.33 11.95
N ILE C 209 -27.47 -9.15 11.11
CA ILE C 209 -26.80 -8.58 9.94
C ILE C 209 -27.84 -7.93 9.03
N TYR C 210 -29.00 -8.54 8.89
CA TYR C 210 -30.07 -7.88 8.15
C TYR C 210 -30.36 -6.50 8.72
N THR C 211 -30.51 -6.43 10.04
CA THR C 211 -30.77 -5.15 10.70
C THR C 211 -29.68 -4.14 10.38
N ALA C 212 -28.43 -4.50 10.68
CA ALA C 212 -27.32 -3.57 10.53
C ALA C 212 -27.08 -3.16 9.08
N VAL C 213 -27.54 -3.94 8.11
CA VAL C 213 -27.34 -3.54 6.73
C VAL C 213 -28.52 -2.76 6.16
N PHE C 214 -29.71 -2.91 6.73
CA PHE C 214 -30.85 -2.24 6.10
C PHE C 214 -31.48 -1.13 6.93
N THR C 215 -31.06 -0.93 8.17
CA THR C 215 -31.55 0.29 8.81
C THR C 215 -30.75 1.54 8.45
N PRO C 216 -29.41 1.53 8.34
CA PRO C 216 -28.73 2.79 8.01
C PRO C 216 -29.04 3.27 6.61
N TYR C 217 -29.04 2.35 5.64
CA TYR C 217 -29.46 2.69 4.29
C TYR C 217 -30.84 3.33 4.29
N SER C 218 -31.80 2.67 4.93
CA SER C 218 -33.15 3.19 4.96
C SER C 218 -33.21 4.56 5.61
N ALA C 219 -32.52 4.74 6.72
CA ALA C 219 -32.59 5.99 7.46
C ALA C 219 -31.92 7.13 6.71
N ALA C 220 -30.91 6.83 5.89
CA ALA C 220 -30.12 7.88 5.27
C ALA C 220 -30.63 8.26 3.89
N PHE C 221 -30.96 7.28 3.05
CA PHE C 221 -31.23 7.61 1.64
C PHE C 221 -32.68 8.03 1.40
N LEU C 222 -33.63 7.19 1.79
CA LEU C 222 -35.02 7.41 1.42
C LEU C 222 -35.94 7.62 2.61
N LEU C 223 -35.39 7.79 3.81
CA LEU C 223 -36.22 8.05 4.97
C LEU C 223 -36.88 9.43 4.88
N VAL C 245 -41.35 -7.58 6.31
CA VAL C 245 -39.94 -7.86 6.12
C VAL C 245 -39.14 -7.66 7.40
N ASP C 246 -39.53 -6.68 8.21
CA ASP C 246 -38.86 -6.40 9.47
C ASP C 246 -39.66 -6.82 10.69
N LEU C 247 -40.96 -7.06 10.55
CA LEU C 247 -41.73 -7.58 11.67
C LEU C 247 -41.24 -8.96 12.08
N ILE C 248 -40.71 -9.73 11.14
CA ILE C 248 -40.20 -11.06 11.46
C ILE C 248 -38.93 -10.96 12.29
N VAL C 249 -38.03 -10.04 11.93
CA VAL C 249 -36.84 -9.86 12.76
C VAL C 249 -37.21 -9.23 14.09
N ASP C 250 -38.27 -8.41 14.12
CA ASP C 250 -38.81 -7.96 15.38
C ASP C 250 -39.23 -9.15 16.24
N ILE C 251 -39.97 -10.08 15.64
CA ILE C 251 -40.48 -11.23 16.38
C ILE C 251 -39.33 -12.09 16.88
N MET C 252 -38.28 -12.25 16.06
CA MET C 252 -37.15 -13.08 16.49
C MET C 252 -36.31 -12.39 17.54
N PHE C 253 -36.15 -11.07 17.44
CA PHE C 253 -35.39 -10.33 18.46
C PHE C 253 -36.15 -10.23 19.77
N ILE C 254 -37.48 -10.32 19.75
CA ILE C 254 -38.27 -10.37 20.97
C ILE C 254 -38.55 -11.80 21.43
N VAL C 255 -38.26 -12.80 20.61
CA VAL C 255 -38.20 -14.17 21.07
C VAL C 255 -36.83 -14.48 21.68
N ASP C 256 -35.80 -13.74 21.27
CA ASP C 256 -34.47 -13.95 21.83
C ASP C 256 -34.44 -13.67 23.34
N ILE C 257 -35.16 -12.64 23.78
CA ILE C 257 -35.18 -12.33 25.21
C ILE C 257 -35.78 -13.50 26.00
N LEU C 258 -36.93 -14.00 25.55
CA LEU C 258 -37.55 -15.13 26.21
C LEU C 258 -36.73 -16.41 26.05
N ILE C 259 -35.94 -16.51 25.00
CA ILE C 259 -35.08 -17.69 24.86
C ILE C 259 -33.95 -17.62 25.86
N ASN C 260 -33.49 -16.41 26.19
CA ASN C 260 -32.63 -16.26 27.35
C ASN C 260 -33.35 -16.67 28.63
N PHE C 261 -34.65 -16.34 28.73
CA PHE C 261 -35.40 -16.66 29.94
C PHE C 261 -35.50 -18.16 30.16
N ARG C 262 -35.62 -18.94 29.09
CA ARG C 262 -35.69 -20.39 29.19
C ARG C 262 -34.33 -21.07 29.04
N THR C 263 -33.26 -20.30 28.89
CA THR C 263 -31.91 -20.86 28.86
C THR C 263 -30.92 -19.95 29.57
N ASN C 267 -22.90 -19.24 36.52
CA ASN C 267 -22.12 -19.16 37.75
C ASN C 267 -20.66 -19.41 37.47
N ALA C 268 -19.79 -18.71 38.20
CA ALA C 268 -18.36 -18.79 37.90
C ALA C 268 -17.78 -20.15 38.26
N ASN C 269 -18.21 -20.72 39.39
CA ASN C 269 -17.61 -21.96 39.87
C ASN C 269 -18.20 -23.20 39.21
N GLU C 270 -19.50 -23.21 38.93
CA GLU C 270 -20.17 -24.38 38.38
C GLU C 270 -21.33 -23.92 37.50
N GLU C 271 -22.23 -24.85 37.20
CA GLU C 271 -23.32 -24.61 36.27
C GLU C 271 -24.43 -23.81 36.96
N VAL C 272 -25.59 -23.75 36.32
CA VAL C 272 -26.72 -23.03 36.87
C VAL C 272 -27.40 -23.89 37.93
N ILE C 279 -31.97 -15.82 36.14
CA ILE C 279 -32.39 -16.28 34.82
C ILE C 279 -33.46 -15.35 34.24
N ALA C 280 -34.21 -14.71 35.13
CA ALA C 280 -35.23 -13.74 34.75
C ALA C 280 -34.90 -12.34 35.22
N VAL C 281 -34.53 -12.18 36.49
CA VAL C 281 -34.03 -10.90 36.97
C VAL C 281 -32.65 -10.62 36.42
N HIS C 282 -31.98 -11.64 35.88
CA HIS C 282 -30.69 -11.44 35.25
C HIS C 282 -30.78 -10.32 34.23
N TYR C 283 -31.63 -10.50 33.22
CA TYR C 283 -31.81 -9.45 32.22
C TYR C 283 -32.33 -8.17 32.87
N PHE C 284 -33.16 -8.30 33.90
CA PHE C 284 -33.60 -7.13 34.67
C PHE C 284 -32.41 -6.34 35.19
N LYS C 285 -31.24 -6.96 35.28
CA LYS C 285 -30.01 -6.25 35.62
C LYS C 285 -28.85 -6.50 34.65
N GLY C 286 -28.87 -7.57 33.86
CA GLY C 286 -27.82 -7.82 32.90
C GLY C 286 -27.92 -7.04 31.60
N TRP C 287 -28.97 -7.30 30.80
CA TRP C 287 -29.18 -6.62 29.52
C TRP C 287 -30.68 -6.63 29.22
N PHE C 288 -31.41 -5.63 29.71
CA PHE C 288 -32.79 -5.56 29.25
C PHE C 288 -33.21 -4.21 28.70
N LEU C 289 -33.01 -3.14 29.48
CA LEU C 289 -33.41 -1.82 29.01
C LEU C 289 -32.69 -1.45 27.73
N ILE C 290 -31.44 -1.92 27.59
CA ILE C 290 -30.74 -1.86 26.32
C ILE C 290 -31.58 -2.53 25.23
N ASP C 291 -32.00 -3.77 25.47
CA ASP C 291 -32.81 -4.47 24.49
C ASP C 291 -34.20 -3.86 24.36
N MET C 292 -34.72 -3.25 25.42
CA MET C 292 -36.03 -2.63 25.36
C MET C 292 -36.03 -1.42 24.42
N VAL C 293 -35.11 -0.48 24.66
CA VAL C 293 -34.99 0.67 23.77
C VAL C 293 -34.54 0.22 22.39
N ALA C 294 -33.89 -0.95 22.31
CA ALA C 294 -33.54 -1.52 21.01
C ALA C 294 -34.79 -1.82 20.19
N ALA C 295 -35.63 -2.72 20.68
CA ALA C 295 -36.85 -3.13 19.98
C ALA C 295 -38.06 -2.61 20.77
N ILE C 296 -38.68 -1.56 20.25
CA ILE C 296 -39.90 -1.00 20.84
C ILE C 296 -40.60 -0.15 19.77
N PRO C 297 -41.87 -0.36 19.51
CA PRO C 297 -42.52 0.34 18.41
C PRO C 297 -42.99 1.74 18.80
N PHE C 298 -42.92 2.64 17.83
CA PHE C 298 -43.54 3.95 17.95
C PHE C 298 -43.85 4.51 16.57
N ILE C 311 -41.01 10.28 15.03
CA ILE C 311 -40.30 10.62 13.80
C ILE C 311 -39.67 9.37 13.21
N GLY C 312 -39.67 9.27 11.89
CA GLY C 312 -39.03 8.16 11.22
C GLY C 312 -37.52 8.11 11.41
N LEU C 313 -36.92 9.22 11.86
CA LEU C 313 -35.51 9.20 12.19
C LEU C 313 -35.25 8.37 13.45
N LEU C 314 -36.12 8.49 14.45
CA LEU C 314 -35.87 7.91 15.76
C LEU C 314 -35.76 6.39 15.71
N LYS C 315 -35.89 5.81 14.51
CA LYS C 315 -35.63 4.40 14.32
C LYS C 315 -34.15 4.04 14.48
N THR C 316 -33.26 5.04 14.51
CA THR C 316 -31.83 4.74 14.57
C THR C 316 -31.48 3.81 15.71
N ALA C 317 -32.19 3.91 16.83
CA ALA C 317 -31.88 3.11 18.00
C ALA C 317 -31.90 1.63 17.70
N ARG C 318 -32.53 1.22 16.58
CA ARG C 318 -32.49 -0.18 16.16
C ARG C 318 -31.08 -0.73 16.15
N LEU C 319 -30.10 0.10 15.79
CA LEU C 319 -28.71 -0.35 15.73
C LEU C 319 -28.23 -0.96 17.02
N LEU C 320 -28.91 -0.66 18.13
CA LEU C 320 -28.52 -1.26 19.40
C LEU C 320 -28.48 -2.77 19.30
N ARG C 321 -29.28 -3.35 18.41
CA ARG C 321 -29.30 -4.79 18.21
C ARG C 321 -27.92 -5.35 17.90
N LEU C 322 -26.97 -4.50 17.49
CA LEU C 322 -25.61 -4.98 17.26
C LEU C 322 -25.04 -5.65 18.49
N VAL C 323 -25.48 -5.24 19.68
CA VAL C 323 -25.00 -5.85 20.92
C VAL C 323 -25.32 -7.33 20.99
N ARG C 324 -26.20 -7.83 20.12
CA ARG C 324 -26.47 -9.27 20.08
C ARG C 324 -25.25 -10.04 19.63
N VAL C 325 -24.37 -9.41 18.86
CA VAL C 325 -23.14 -10.05 18.40
C VAL C 325 -22.04 -9.73 19.40
N ALA C 326 -22.44 -9.18 20.55
CA ALA C 326 -21.49 -8.63 21.51
C ALA C 326 -20.96 -9.65 22.50
N ARG C 327 -21.82 -10.54 23.00
CA ARG C 327 -21.47 -11.41 24.12
C ARG C 327 -21.74 -12.88 23.78
N LYS C 328 -21.25 -13.33 22.63
CA LYS C 328 -21.28 -14.75 22.30
C LYS C 328 -20.00 -15.18 21.59
N LEU C 329 -18.92 -14.44 21.79
CA LEU C 329 -17.75 -14.51 20.92
C LEU C 329 -16.86 -15.72 21.15
N ASP C 330 -17.37 -16.74 21.84
CA ASP C 330 -16.74 -18.06 21.80
C ASP C 330 -17.53 -19.04 20.94
N ARG C 331 -18.77 -18.71 20.59
CA ARG C 331 -19.60 -19.51 19.70
C ARG C 331 -19.86 -18.82 18.38
N TYR C 332 -19.05 -17.81 18.03
CA TYR C 332 -19.01 -17.27 16.68
C TYR C 332 -17.70 -17.50 15.97
N SER C 333 -16.62 -17.79 16.69
CA SER C 333 -15.32 -17.98 16.08
C SER C 333 -14.73 -19.33 16.46
N ALA C 337 -12.73 -20.69 10.04
CA ALA C 337 -12.77 -19.89 8.83
C ALA C 337 -13.97 -18.96 8.86
N ALA C 338 -14.71 -18.98 9.96
CA ALA C 338 -15.83 -18.06 10.11
C ALA C 338 -15.35 -16.63 10.29
N VAL C 339 -14.17 -16.46 10.91
CA VAL C 339 -13.62 -15.13 11.12
C VAL C 339 -13.35 -14.43 9.81
N LEU C 340 -13.07 -15.19 8.74
CA LEU C 340 -12.82 -14.57 7.45
C LEU C 340 -14.09 -13.97 6.86
N PHE C 341 -15.19 -14.73 6.88
CA PHE C 341 -16.45 -14.15 6.44
C PHE C 341 -16.86 -13.00 7.34
N LEU C 342 -16.57 -13.10 8.64
CA LEU C 342 -16.88 -11.99 9.53
C LEU C 342 -16.10 -10.74 9.17
N LEU C 343 -14.82 -10.88 8.84
CA LEU C 343 -14.00 -9.72 8.50
C LEU C 343 -14.47 -9.10 7.20
N MET C 344 -14.74 -9.91 6.17
CA MET C 344 -15.31 -9.34 4.95
C MET C 344 -16.63 -8.65 5.23
N CYS C 345 -17.46 -9.25 6.08
CA CYS C 345 -18.76 -8.67 6.41
C CYS C 345 -18.59 -7.32 7.10
N THR C 346 -17.69 -7.22 8.07
CA THR C 346 -17.54 -5.97 8.79
C THR C 346 -16.87 -4.90 7.94
N PHE C 347 -15.95 -5.30 7.05
CA PHE C 347 -15.37 -4.32 6.13
C PHE C 347 -16.43 -3.76 5.21
N ALA C 348 -17.23 -4.64 4.62
CA ALA C 348 -18.34 -4.16 3.80
C ALA C 348 -19.30 -3.31 4.62
N LEU C 349 -19.48 -3.65 5.89
CA LEU C 349 -20.38 -2.86 6.72
C LEU C 349 -19.86 -1.44 6.91
N ILE C 350 -18.59 -1.32 7.32
CA ILE C 350 -18.03 0.01 7.54
C ILE C 350 -18.08 0.82 6.27
N ALA C 351 -17.82 0.18 5.14
CA ALA C 351 -17.95 0.87 3.86
C ALA C 351 -19.37 1.36 3.65
N HIS C 352 -20.36 0.54 4.00
CA HIS C 352 -21.75 0.96 3.83
C HIS C 352 -22.08 2.14 4.74
N TRP C 353 -21.68 2.07 6.00
CA TRP C 353 -21.99 3.14 6.94
C TRP C 353 -21.35 4.45 6.49
N LEU C 354 -20.08 4.40 6.11
CA LEU C 354 -19.42 5.60 5.62
C LEU C 354 -20.06 6.09 4.33
N ALA C 355 -20.57 5.19 3.50
CA ALA C 355 -21.24 5.62 2.29
C ALA C 355 -22.50 6.41 2.63
N CYS C 356 -23.28 5.95 3.59
CA CYS C 356 -24.49 6.69 3.90
C CYS C 356 -24.18 7.99 4.64
N ILE C 357 -23.13 8.02 5.47
CA ILE C 357 -22.71 9.29 6.07
C ILE C 357 -22.31 10.27 4.97
N TRP C 358 -21.55 9.79 4.00
CA TRP C 358 -21.11 10.63 2.90
C TRP C 358 -22.31 11.15 2.14
N TYR C 359 -23.35 10.32 2.00
CA TYR C 359 -24.53 10.79 1.31
C TYR C 359 -25.25 11.87 2.10
N ALA C 360 -25.33 11.70 3.41
CA ALA C 360 -25.94 12.74 4.24
C ALA C 360 -25.17 14.05 4.07
N ILE C 361 -23.85 13.99 4.14
CA ILE C 361 -23.03 15.19 3.97
C ILE C 361 -23.31 15.84 2.62
N GLY C 362 -23.14 15.07 1.55
CA GLY C 362 -23.35 15.61 0.22
C GLY C 362 -24.76 16.07 -0.03
N ASN C 363 -25.72 15.63 0.78
CA ASN C 363 -27.09 16.08 0.64
C ASN C 363 -27.43 17.24 1.58
N MET C 364 -26.57 17.56 2.52
CA MET C 364 -26.81 18.69 3.41
C MET C 364 -26.67 20.03 2.71
N GLU C 365 -26.60 20.06 1.38
CA GLU C 365 -26.60 21.32 0.64
C GLU C 365 -27.53 21.21 -0.56
N ILE C 373 -19.81 22.11 -6.78
CA ILE C 373 -19.04 22.50 -5.61
C ILE C 373 -18.83 21.31 -4.70
N GLY C 374 -19.87 20.51 -4.55
CA GLY C 374 -19.80 19.33 -3.70
C GLY C 374 -19.35 18.12 -4.50
N TRP C 375 -19.91 16.95 -4.21
CA TRP C 375 -19.64 15.78 -5.04
C TRP C 375 -20.83 15.32 -5.83
N LEU C 376 -22.04 15.57 -5.35
CA LEU C 376 -23.21 15.03 -6.02
C LEU C 376 -23.57 15.86 -7.23
N HIS C 377 -23.40 17.18 -7.16
CA HIS C 377 -23.49 18.00 -8.36
C HIS C 377 -22.49 17.56 -9.41
N ASN C 378 -21.46 16.83 -9.01
CA ASN C 378 -20.43 16.34 -9.91
C ASN C 378 -20.76 14.96 -10.45
N LEU C 379 -21.12 14.04 -9.56
CA LEU C 379 -21.55 12.72 -10.02
C LEU C 379 -22.71 12.85 -10.98
N GLY C 380 -23.57 13.85 -10.80
CA GLY C 380 -24.60 14.10 -11.76
C GLY C 380 -24.06 14.35 -13.15
N ASP C 381 -22.91 15.00 -13.25
CA ASP C 381 -22.38 15.37 -14.55
C ASP C 381 -21.52 14.29 -15.17
N GLN C 382 -20.86 13.47 -14.36
CA GLN C 382 -20.03 12.41 -14.93
C GLN C 382 -20.86 11.49 -15.83
N ILE C 383 -21.82 10.78 -15.23
CA ILE C 383 -22.75 9.97 -15.99
C ILE C 383 -23.75 10.91 -16.66
N GLY C 384 -24.50 10.42 -17.63
CA GLY C 384 -25.37 11.29 -18.38
C GLY C 384 -26.63 11.72 -17.64
N LYS C 385 -26.49 12.25 -16.42
CA LYS C 385 -27.63 12.65 -15.59
C LYS C 385 -27.41 14.03 -15.01
N PRO C 386 -27.40 15.06 -15.83
CA PRO C 386 -27.15 16.42 -15.33
C PRO C 386 -28.39 17.04 -14.72
N TYR C 387 -28.16 18.10 -13.95
CA TYR C 387 -29.25 18.90 -13.39
C TYR C 387 -28.74 20.18 -12.75
N GLY C 394 -32.26 14.63 -10.88
CA GLY C 394 -31.00 14.07 -10.43
C GLY C 394 -30.78 12.64 -10.89
N PRO C 395 -29.84 11.94 -10.25
CA PRO C 395 -29.61 10.54 -10.58
C PRO C 395 -30.51 9.60 -9.78
N SER C 396 -30.64 8.38 -10.28
CA SER C 396 -31.44 7.38 -9.60
C SER C 396 -30.80 7.01 -8.28
N ILE C 397 -31.62 6.56 -7.34
CA ILE C 397 -31.11 6.21 -6.02
C ILE C 397 -30.02 5.17 -6.13
N LYS C 398 -30.10 4.27 -7.12
CA LYS C 398 -29.09 3.24 -7.23
C LYS C 398 -27.75 3.83 -7.65
N ASP C 399 -27.76 4.78 -8.58
CA ASP C 399 -26.52 5.43 -8.97
C ASP C 399 -25.86 6.11 -7.78
N LYS C 400 -26.63 6.86 -7.01
CA LYS C 400 -26.09 7.55 -5.83
C LYS C 400 -25.52 6.55 -4.85
N TYR C 401 -26.27 5.50 -4.54
CA TYR C 401 -25.76 4.58 -3.54
C TYR C 401 -24.50 3.89 -4.03
N VAL C 402 -24.47 3.47 -5.30
CA VAL C 402 -23.32 2.70 -5.74
C VAL C 402 -22.10 3.60 -5.88
N THR C 403 -22.28 4.86 -6.28
CA THR C 403 -21.14 5.77 -6.33
C THR C 403 -20.63 6.07 -4.93
N ALA C 404 -21.52 6.22 -3.96
CA ALA C 404 -21.07 6.45 -2.59
C ALA C 404 -20.28 5.26 -2.09
N LEU C 405 -20.81 4.05 -2.27
CA LEU C 405 -20.07 2.88 -1.83
C LEU C 405 -18.76 2.77 -2.58
N TYR C 406 -18.74 3.19 -3.84
CA TYR C 406 -17.54 3.11 -4.66
C TYR C 406 -16.45 4.03 -4.15
N PHE C 407 -16.77 5.32 -4.00
CA PHE C 407 -15.78 6.26 -3.50
C PHE C 407 -15.30 5.86 -2.12
N THR C 408 -16.22 5.48 -1.25
CA THR C 408 -15.82 5.06 0.08
C THR C 408 -14.89 3.86 0.01
N PHE C 409 -15.18 2.91 -0.87
CA PHE C 409 -14.37 1.72 -0.93
C PHE C 409 -12.99 2.03 -1.48
N SER C 410 -12.92 2.92 -2.48
CA SER C 410 -11.65 3.31 -3.05
C SER C 410 -10.80 4.02 -2.00
N SER C 411 -11.27 5.18 -1.53
CA SER C 411 -10.48 5.94 -0.57
C SER C 411 -10.22 5.16 0.71
N LEU C 412 -10.94 4.07 0.97
CA LEU C 412 -10.53 3.22 2.07
C LEU C 412 -9.39 2.31 1.67
N THR C 413 -9.49 1.68 0.51
CA THR C 413 -8.45 0.77 0.06
C THR C 413 -7.21 1.48 -0.44
N SER C 414 -7.21 2.81 -0.47
CA SER C 414 -6.08 3.62 -0.88
C SER C 414 -5.79 3.45 -2.37
N VAL C 415 -6.78 3.78 -3.19
CA VAL C 415 -6.57 3.84 -4.62
C VAL C 415 -6.78 5.26 -5.11
N GLY C 416 -7.97 5.79 -4.95
CA GLY C 416 -8.21 7.15 -5.38
C GLY C 416 -8.29 7.29 -6.87
N PHE C 417 -9.38 6.78 -7.45
CA PHE C 417 -9.51 6.74 -8.90
C PHE C 417 -9.60 8.12 -9.52
N GLY C 418 -9.88 9.15 -8.74
CA GLY C 418 -9.89 10.48 -9.28
C GLY C 418 -11.17 10.91 -9.97
N ASN C 419 -12.11 10.01 -10.22
CA ASN C 419 -13.38 10.49 -10.76
C ASN C 419 -14.22 11.15 -9.68
N VAL C 420 -13.95 10.86 -8.41
CA VAL C 420 -14.68 11.41 -7.28
C VAL C 420 -13.66 12.10 -6.38
N SER C 421 -13.88 13.39 -6.12
CA SER C 421 -12.89 14.18 -5.42
C SER C 421 -13.52 15.15 -4.43
N PRO C 422 -13.14 15.10 -3.16
CA PRO C 422 -13.68 16.05 -2.19
C PRO C 422 -13.29 17.48 -2.52
N ASN C 423 -14.26 18.39 -2.42
CA ASN C 423 -14.05 19.76 -2.85
C ASN C 423 -14.77 20.79 -1.97
N THR C 424 -14.90 20.52 -0.67
CA THR C 424 -15.51 21.48 0.26
C THR C 424 -15.16 21.06 1.68
N ASN C 425 -14.88 22.06 2.53
CA ASN C 425 -14.17 21.85 3.79
C ASN C 425 -14.78 20.72 4.61
N SER C 426 -16.10 20.62 4.65
CA SER C 426 -16.73 19.49 5.32
C SER C 426 -16.29 18.18 4.68
N GLU C 427 -16.35 18.11 3.35
CA GLU C 427 -15.91 16.91 2.66
C GLU C 427 -14.45 16.61 2.93
N LYS C 428 -13.61 17.65 2.93
CA LYS C 428 -12.19 17.39 3.11
C LYS C 428 -11.87 16.93 4.52
N ILE C 429 -12.60 17.43 5.51
CA ILE C 429 -12.40 16.96 6.87
C ILE C 429 -12.88 15.51 7.00
N PHE C 430 -14.04 15.21 6.41
CA PHE C 430 -14.46 13.81 6.39
C PHE C 430 -13.44 12.94 5.67
N SER C 431 -12.79 13.47 4.64
CA SER C 431 -11.81 12.69 3.91
C SER C 431 -10.59 12.41 4.77
N ILE C 432 -10.12 13.40 5.50
CA ILE C 432 -9.01 13.17 6.44
C ILE C 432 -9.41 12.10 7.45
N CYS C 433 -10.65 12.14 7.92
CA CYS C 433 -11.09 11.14 8.89
C CYS C 433 -11.22 9.74 8.28
N VAL C 434 -11.76 9.64 7.07
CA VAL C 434 -11.90 8.33 6.46
C VAL C 434 -10.53 7.78 6.11
N MET C 435 -9.56 8.66 5.81
CA MET C 435 -8.22 8.19 5.53
C MET C 435 -7.53 7.72 6.80
N LEU C 436 -7.77 8.41 7.92
CA LEU C 436 -7.29 7.90 9.20
C LEU C 436 -7.88 6.52 9.49
N ILE C 437 -9.20 6.40 9.38
CA ILE C 437 -9.86 5.13 9.66
C ILE C 437 -9.35 4.06 8.71
N GLY C 438 -9.13 4.42 7.45
CA GLY C 438 -8.67 3.45 6.48
C GLY C 438 -7.27 2.97 6.80
N SER C 439 -6.38 3.89 7.13
CA SER C 439 -5.06 3.51 7.58
C SER C 439 -5.15 2.52 8.74
N LEU C 440 -5.90 2.88 9.78
CA LEU C 440 -5.97 2.02 10.96
C LEU C 440 -6.55 0.65 10.62
N MET C 441 -7.74 0.64 10.00
CA MET C 441 -8.43 -0.61 9.74
C MET C 441 -7.69 -1.47 8.73
N TYR C 442 -7.19 -0.87 7.65
CA TYR C 442 -6.33 -1.58 6.72
C TYR C 442 -5.19 -2.25 7.47
N ALA C 443 -4.37 -1.44 8.14
CA ALA C 443 -3.19 -1.96 8.83
C ALA C 443 -3.55 -3.10 9.77
N SER C 444 -4.66 -2.99 10.48
CA SER C 444 -5.01 -4.02 11.45
C SER C 444 -5.58 -5.25 10.75
N ILE C 445 -6.72 -5.10 10.08
CA ILE C 445 -7.47 -6.26 9.61
C ILE C 445 -6.83 -6.93 8.41
N PHE C 446 -6.05 -6.23 7.59
CA PHE C 446 -5.46 -6.88 6.43
C PHE C 446 -4.09 -7.47 6.71
N GLY C 447 -3.58 -7.30 7.92
CA GLY C 447 -2.52 -8.15 8.41
C GLY C 447 -3.16 -9.27 9.20
N ASN C 448 -4.33 -8.98 9.78
CA ASN C 448 -5.10 -10.00 10.46
C ASN C 448 -5.44 -11.13 9.50
N VAL C 449 -6.02 -10.79 8.35
CA VAL C 449 -6.39 -11.80 7.36
C VAL C 449 -5.17 -12.57 6.89
N SER C 450 -4.03 -11.88 6.78
CA SER C 450 -2.80 -12.57 6.38
C SER C 450 -2.41 -13.61 7.41
N ALA C 451 -2.44 -13.25 8.69
CA ALA C 451 -2.10 -14.20 9.75
C ALA C 451 -3.11 -15.34 9.83
N ILE C 452 -4.39 -15.03 9.59
CA ILE C 452 -5.41 -16.08 9.59
C ILE C 452 -5.09 -17.11 8.52
N ILE C 453 -4.89 -16.65 7.29
CA ILE C 453 -4.55 -17.58 6.23
C ILE C 453 -3.21 -18.24 6.48
N GLN C 454 -2.34 -17.60 7.28
CA GLN C 454 -1.05 -18.21 7.60
C GLN C 454 -1.22 -19.43 8.50
N ARG C 455 -1.96 -19.28 9.60
CA ARG C 455 -2.11 -20.40 10.53
C ARG C 455 -2.82 -21.58 9.89
N LEU C 456 -3.75 -21.31 8.97
CA LEU C 456 -4.48 -22.36 8.28
C LEU C 456 -3.55 -23.31 7.55
N TYR D 193 5.65 -40.53 -12.65
CA TYR D 193 6.69 -39.80 -11.95
C TYR D 193 8.07 -40.14 -12.53
N SER D 194 8.06 -40.72 -13.72
CA SER D 194 9.31 -41.11 -14.38
C SER D 194 10.16 -39.87 -14.67
N PRO D 195 11.47 -40.04 -14.85
CA PRO D 195 12.25 -38.92 -15.40
C PRO D 195 11.68 -38.38 -16.69
N PHE D 196 11.23 -39.29 -17.57
CA PHE D 196 10.44 -38.86 -18.73
C PHE D 196 9.32 -37.95 -18.28
N LYS D 197 8.63 -38.29 -17.19
CA LYS D 197 7.66 -37.36 -16.63
C LYS D 197 8.34 -36.27 -15.83
N ALA D 198 9.47 -36.54 -15.16
CA ALA D 198 10.16 -35.48 -14.45
C ALA D 198 10.61 -34.35 -15.38
N VAL D 199 10.38 -34.48 -16.68
CA VAL D 199 10.45 -33.36 -17.61
C VAL D 199 9.11 -33.08 -18.28
N TRP D 200 8.37 -34.12 -18.66
CA TRP D 200 7.12 -33.90 -19.39
C TRP D 200 6.04 -33.30 -18.51
N ASP D 201 6.19 -33.38 -17.19
CA ASP D 201 5.22 -32.75 -16.29
C ASP D 201 5.38 -31.25 -16.32
N TRP D 202 6.61 -30.77 -16.28
CA TRP D 202 6.82 -29.34 -16.52
C TRP D 202 6.43 -28.98 -17.93
N LEU D 203 6.54 -29.93 -18.87
CA LEU D 203 6.07 -29.67 -20.23
C LEU D 203 4.56 -29.47 -20.27
N ILE D 204 3.80 -30.34 -19.60
CA ILE D 204 2.35 -30.17 -19.55
C ILE D 204 1.99 -28.97 -18.69
N LEU D 205 2.85 -28.59 -17.75
CA LEU D 205 2.64 -27.33 -17.04
C LEU D 205 2.73 -26.16 -18.01
N LEU D 206 3.74 -26.15 -18.87
CA LEU D 206 3.81 -25.10 -19.87
C LEU D 206 2.61 -25.16 -20.81
N LEU D 207 2.13 -26.37 -21.11
CA LEU D 207 0.98 -26.49 -22.00
C LEU D 207 -0.29 -25.95 -21.35
N VAL D 208 -0.52 -26.26 -20.07
CA VAL D 208 -1.71 -25.76 -19.41
C VAL D 208 -1.61 -24.27 -19.19
N ILE D 209 -0.40 -23.76 -18.93
CA ILE D 209 -0.23 -22.31 -18.86
C ILE D 209 -0.55 -21.70 -20.21
N TYR D 210 -0.08 -22.33 -21.29
CA TYR D 210 -0.41 -21.86 -22.62
C TYR D 210 -1.91 -21.75 -22.78
N THR D 211 -2.64 -22.79 -22.35
CA THR D 211 -4.09 -22.80 -22.53
C THR D 211 -4.77 -21.74 -21.68
N ALA D 212 -4.38 -21.64 -20.41
CA ALA D 212 -4.97 -20.66 -19.52
C ALA D 212 -4.72 -19.24 -20.02
N VAL D 213 -3.65 -19.05 -20.77
CA VAL D 213 -3.37 -17.74 -21.32
C VAL D 213 -4.05 -17.50 -22.66
N PHE D 214 -4.26 -18.54 -23.47
CA PHE D 214 -4.74 -18.33 -24.83
C PHE D 214 -6.18 -18.75 -25.06
N THR D 215 -6.84 -19.36 -24.09
CA THR D 215 -8.26 -19.66 -24.22
C THR D 215 -9.16 -18.48 -23.81
N PRO D 216 -8.95 -17.82 -22.67
CA PRO D 216 -9.76 -16.63 -22.41
C PRO D 216 -9.45 -15.53 -23.39
N TYR D 217 -8.19 -15.36 -23.75
CA TYR D 217 -7.83 -14.33 -24.72
C TYR D 217 -8.46 -14.60 -26.07
N SER D 218 -8.62 -15.87 -26.42
CA SER D 218 -9.25 -16.19 -27.69
C SER D 218 -10.75 -15.99 -27.64
N ALA D 219 -11.39 -16.39 -26.54
CA ALA D 219 -12.83 -16.28 -26.44
C ALA D 219 -13.28 -14.83 -26.25
N ALA D 220 -12.42 -13.99 -25.68
CA ALA D 220 -12.86 -12.69 -25.20
C ALA D 220 -12.97 -11.67 -26.32
N PHE D 221 -11.85 -11.36 -26.97
CA PHE D 221 -11.78 -10.25 -27.92
C PHE D 221 -12.17 -10.65 -29.34
N LEU D 222 -12.14 -11.94 -29.66
CA LEU D 222 -12.24 -12.40 -31.04
C LEU D 222 -13.68 -12.75 -31.43
N VAL D 245 -1.91 -25.63 -34.07
CA VAL D 245 -1.42 -25.10 -32.80
C VAL D 245 -2.34 -25.52 -31.68
N ASP D 246 -3.62 -25.75 -32.00
CA ASP D 246 -4.63 -26.13 -31.01
C ASP D 246 -4.81 -27.64 -30.90
N LEU D 247 -5.09 -28.32 -32.01
CA LEU D 247 -5.09 -29.77 -31.98
C LEU D 247 -3.73 -30.31 -31.58
N ILE D 248 -2.67 -29.56 -31.85
CA ILE D 248 -1.33 -29.94 -31.44
C ILE D 248 -1.30 -30.17 -29.94
N VAL D 249 -1.85 -29.23 -29.16
CA VAL D 249 -1.81 -29.38 -27.70
C VAL D 249 -2.92 -30.32 -27.23
N ASP D 250 -4.00 -30.45 -27.99
CA ASP D 250 -4.99 -31.49 -27.70
C ASP D 250 -4.33 -32.87 -27.72
N ILE D 251 -3.35 -33.07 -28.61
CA ILE D 251 -2.65 -34.35 -28.69
C ILE D 251 -1.89 -34.64 -27.41
N MET D 252 -1.15 -33.66 -26.90
CA MET D 252 -0.43 -33.86 -25.65
C MET D 252 -1.40 -34.09 -24.49
N PHE D 253 -2.51 -33.35 -24.49
CA PHE D 253 -3.51 -33.53 -23.45
C PHE D 253 -4.08 -34.95 -23.48
N ILE D 254 -4.31 -35.51 -24.66
CA ILE D 254 -4.88 -36.85 -24.74
C ILE D 254 -3.83 -37.94 -24.55
N VAL D 255 -2.54 -37.61 -24.70
CA VAL D 255 -1.52 -38.62 -24.38
C VAL D 255 -1.24 -38.67 -22.88
N ASP D 256 -1.49 -37.56 -22.17
CA ASP D 256 -1.24 -37.55 -20.73
C ASP D 256 -2.10 -38.57 -20.00
N ILE D 257 -3.37 -38.71 -20.39
CA ILE D 257 -4.26 -39.60 -19.67
C ILE D 257 -3.81 -41.05 -19.83
N LEU D 258 -3.34 -41.42 -21.02
CA LEU D 258 -2.85 -42.78 -21.22
C LEU D 258 -1.54 -43.00 -20.46
N ILE D 259 -0.65 -42.01 -20.48
CA ILE D 259 0.57 -42.09 -19.68
C ILE D 259 0.22 -42.29 -18.21
N ASN D 260 -0.92 -41.73 -17.78
CA ASN D 260 -1.39 -41.98 -16.42
C ASN D 260 -1.93 -43.39 -16.27
N PHE D 261 -2.60 -43.89 -17.31
CA PHE D 261 -3.13 -45.26 -17.27
C PHE D 261 -2.03 -46.26 -16.99
N ARG D 262 -0.92 -46.17 -17.71
CA ARG D 262 0.22 -47.05 -17.44
C ARG D 262 1.12 -46.53 -16.32
N THR D 263 0.75 -45.44 -15.66
CA THR D 263 1.52 -44.89 -14.56
C THR D 263 1.21 -45.67 -13.28
N THR D 264 1.54 -45.10 -12.13
CA THR D 264 1.35 -45.77 -10.87
C THR D 264 0.26 -45.08 -10.03
N TYR D 265 0.06 -45.58 -8.82
CA TYR D 265 -0.85 -45.02 -7.85
C TYR D 265 -0.44 -45.53 -6.48
N VAL D 266 -0.76 -44.78 -5.43
CA VAL D 266 -0.23 -45.08 -4.11
C VAL D 266 -1.34 -45.44 -3.13
N ASN D 267 -0.97 -45.74 -1.89
CA ASN D 267 -1.93 -46.00 -0.84
C ASN D 267 -1.27 -45.76 0.51
N ALA D 268 -2.07 -45.39 1.50
CA ALA D 268 -1.54 -44.99 2.80
C ALA D 268 -0.85 -46.15 3.50
N ASN D 269 -1.60 -47.17 3.88
CA ASN D 269 -1.03 -48.33 4.58
C ASN D 269 -0.48 -49.37 3.64
N GLU D 270 -0.77 -49.27 2.35
CA GLU D 270 -0.29 -50.22 1.37
C GLU D 270 0.89 -49.63 0.60
N GLU D 271 1.35 -50.34 -0.40
CA GLU D 271 2.46 -49.88 -1.23
C GLU D 271 1.95 -49.38 -2.58
N VAL D 272 2.80 -48.63 -3.26
CA VAL D 272 2.46 -47.98 -4.51
C VAL D 272 2.21 -49.00 -5.61
N ALA D 280 -6.30 -48.92 -14.13
CA ALA D 280 -7.02 -48.32 -15.24
C ALA D 280 -8.29 -47.66 -14.76
N VAL D 281 -8.90 -48.25 -13.72
CA VAL D 281 -10.10 -47.66 -13.13
C VAL D 281 -9.79 -46.44 -12.28
N HIS D 282 -8.52 -46.13 -12.08
CA HIS D 282 -8.15 -44.94 -11.32
C HIS D 282 -8.74 -43.70 -11.98
N TYR D 283 -8.62 -43.62 -13.31
CA TYR D 283 -9.26 -42.53 -14.05
C TYR D 283 -10.78 -42.59 -13.91
N PHE D 284 -11.34 -43.76 -13.61
CA PHE D 284 -12.76 -43.87 -13.32
C PHE D 284 -13.09 -43.46 -11.88
N LYS D 285 -12.08 -43.31 -11.03
CA LYS D 285 -12.34 -43.13 -9.61
C LYS D 285 -12.79 -41.70 -9.28
N GLY D 286 -11.89 -40.73 -9.41
CA GLY D 286 -12.18 -39.40 -8.93
C GLY D 286 -12.03 -38.29 -9.94
N TRP D 287 -11.19 -38.51 -10.96
CA TRP D 287 -10.93 -37.52 -12.00
C TRP D 287 -11.24 -38.18 -13.34
N PHE D 288 -12.50 -38.15 -13.76
CA PHE D 288 -12.92 -38.86 -14.95
C PHE D 288 -13.42 -37.92 -16.05
N LEU D 289 -14.51 -37.20 -15.79
CA LEU D 289 -15.20 -36.47 -16.85
C LEU D 289 -14.54 -35.13 -17.18
N ILE D 290 -13.65 -34.64 -16.32
CA ILE D 290 -13.04 -33.33 -16.55
C ILE D 290 -11.95 -33.43 -17.60
N ASP D 291 -10.97 -34.31 -17.39
CA ASP D 291 -9.95 -34.58 -18.39
C ASP D 291 -10.59 -34.96 -19.72
N MET D 292 -11.75 -35.60 -19.67
CA MET D 292 -12.45 -35.96 -20.89
C MET D 292 -13.04 -34.72 -21.56
N VAL D 293 -13.86 -33.95 -20.85
CA VAL D 293 -14.55 -32.81 -21.42
C VAL D 293 -13.56 -31.76 -21.91
N ALA D 294 -12.34 -31.75 -21.36
CA ALA D 294 -11.34 -30.80 -21.82
C ALA D 294 -10.55 -31.31 -23.03
N ALA D 295 -10.40 -32.62 -23.19
CA ALA D 295 -9.62 -33.18 -24.29
C ALA D 295 -10.49 -33.53 -25.49
N ILE D 296 -11.32 -32.59 -25.94
CA ILE D 296 -12.19 -32.80 -27.09
C ILE D 296 -12.01 -31.62 -28.04
N PRO D 297 -11.59 -31.84 -29.29
CA PRO D 297 -11.65 -30.79 -30.31
C PRO D 297 -13.02 -30.69 -30.98
N PHE D 298 -14.07 -30.73 -30.17
CA PHE D 298 -15.44 -30.77 -30.66
C PHE D 298 -15.87 -29.42 -31.22
N LEU D 313 -16.88 -19.21 -27.69
CA LEU D 313 -17.72 -19.16 -26.50
C LEU D 313 -18.05 -20.56 -26.03
N LEU D 314 -17.84 -21.54 -26.93
CA LEU D 314 -18.01 -22.95 -26.61
C LEU D 314 -16.70 -23.62 -26.22
N LYS D 315 -15.67 -23.49 -27.06
CA LYS D 315 -14.35 -24.03 -26.75
C LYS D 315 -13.81 -23.55 -25.42
N THR D 316 -14.47 -22.58 -24.78
CA THR D 316 -14.10 -22.18 -23.43
C THR D 316 -14.04 -23.37 -22.49
N ALA D 317 -14.75 -24.45 -22.84
CA ALA D 317 -14.67 -25.66 -22.03
C ALA D 317 -13.22 -26.05 -21.75
N ARG D 318 -12.33 -25.79 -22.70
CA ARG D 318 -10.94 -26.17 -22.56
C ARG D 318 -10.34 -25.71 -21.24
N LEU D 319 -10.84 -24.62 -20.68
CA LEU D 319 -10.24 -24.07 -19.47
C LEU D 319 -10.23 -25.09 -18.34
N LEU D 320 -11.08 -26.11 -18.40
CA LEU D 320 -11.09 -27.12 -17.35
C LEU D 320 -9.72 -27.74 -17.16
N ARG D 321 -8.92 -27.82 -18.23
CA ARG D 321 -7.56 -28.37 -18.15
C ARG D 321 -6.81 -27.83 -16.95
N LEU D 322 -7.17 -26.63 -16.49
CA LEU D 322 -6.41 -25.96 -15.45
C LEU D 322 -6.26 -26.84 -14.23
N VAL D 323 -7.29 -27.63 -13.89
CA VAL D 323 -7.28 -28.41 -12.66
C VAL D 323 -6.04 -29.28 -12.58
N ARG D 324 -5.43 -29.54 -13.75
CA ARG D 324 -4.26 -30.40 -13.81
C ARG D 324 -3.15 -29.93 -12.88
N VAL D 325 -2.92 -28.61 -12.81
CA VAL D 325 -1.85 -28.13 -11.94
C VAL D 325 -2.14 -28.48 -10.49
N ALA D 326 -3.41 -28.34 -10.08
CA ALA D 326 -3.78 -28.72 -8.72
C ALA D 326 -3.38 -30.14 -8.42
N ARG D 327 -3.35 -31.01 -9.43
CA ARG D 327 -3.08 -32.42 -9.21
C ARG D 327 -1.62 -32.71 -8.91
N LYS D 328 -0.73 -31.72 -8.96
CA LYS D 328 0.70 -32.04 -8.83
C LYS D 328 1.47 -31.14 -7.89
N LEU D 329 0.84 -30.11 -7.30
CA LEU D 329 1.57 -29.14 -6.50
C LEU D 329 2.34 -29.76 -5.34
N ASP D 330 2.11 -31.03 -5.03
CA ASP D 330 2.84 -31.67 -3.96
C ASP D 330 4.32 -31.87 -4.29
N ARG D 331 4.70 -31.70 -5.55
CA ARG D 331 6.09 -31.86 -5.96
C ARG D 331 6.74 -30.60 -6.48
N TYR D 332 5.96 -29.59 -6.88
CA TYR D 332 6.54 -28.36 -7.39
C TYR D 332 7.09 -27.51 -6.26
N SER D 333 6.31 -27.33 -5.20
CA SER D 333 6.60 -26.37 -4.14
C SER D 333 7.84 -26.73 -3.33
N GLU D 334 8.53 -27.82 -3.64
CA GLU D 334 9.76 -28.10 -2.93
C GLU D 334 10.83 -27.04 -3.23
N TYR D 335 10.70 -26.36 -4.37
CA TYR D 335 11.66 -25.34 -4.79
C TYR D 335 11.03 -23.96 -4.63
N GLY D 336 11.45 -23.25 -3.58
CA GLY D 336 10.98 -21.88 -3.40
C GLY D 336 11.34 -21.00 -4.58
N ALA D 337 12.53 -21.21 -5.14
CA ALA D 337 12.91 -20.51 -6.36
C ALA D 337 11.90 -20.74 -7.48
N ALA D 338 11.09 -21.79 -7.38
CA ALA D 338 10.00 -22.03 -8.33
C ALA D 338 8.68 -21.47 -7.84
N VAL D 339 8.42 -21.50 -6.53
CA VAL D 339 7.14 -21.00 -6.02
C VAL D 339 7.06 -19.49 -6.20
N LEU D 340 8.20 -18.81 -6.21
CA LEU D 340 8.18 -17.38 -6.49
C LEU D 340 7.69 -17.12 -7.91
N PHE D 341 8.24 -17.85 -8.88
CA PHE D 341 7.76 -17.73 -10.25
C PHE D 341 6.29 -18.11 -10.33
N LEU D 342 5.87 -19.10 -9.54
CA LEU D 342 4.48 -19.50 -9.50
C LEU D 342 3.58 -18.34 -9.07
N LEU D 343 3.97 -17.66 -7.99
CA LEU D 343 3.16 -16.56 -7.48
C LEU D 343 3.12 -15.40 -8.45
N MET D 344 4.25 -15.07 -9.06
CA MET D 344 4.24 -13.99 -10.04
C MET D 344 3.35 -14.34 -11.23
N CYS D 345 3.40 -15.59 -11.68
CA CYS D 345 2.53 -16.00 -12.77
C CYS D 345 1.08 -16.07 -12.33
N THR D 346 0.83 -16.34 -11.04
CA THR D 346 -0.54 -16.28 -10.53
C THR D 346 -1.08 -14.86 -10.63
N PHE D 347 -0.32 -13.89 -10.14
CA PHE D 347 -0.73 -12.50 -10.23
C PHE D 347 -0.93 -12.08 -11.67
N ALA D 348 -0.02 -12.49 -12.56
CA ALA D 348 -0.16 -12.13 -13.96
C ALA D 348 -1.40 -12.75 -14.58
N LEU D 349 -1.67 -14.01 -14.24
CA LEU D 349 -2.83 -14.69 -14.81
C LEU D 349 -4.12 -14.06 -14.33
N ILE D 350 -4.19 -13.72 -13.04
CA ILE D 350 -5.39 -13.09 -12.51
C ILE D 350 -5.61 -11.75 -13.19
N ALA D 351 -4.52 -10.99 -13.36
CA ALA D 351 -4.62 -9.75 -14.11
C ALA D 351 -5.13 -10.01 -15.52
N HIS D 352 -4.71 -11.12 -16.12
CA HIS D 352 -5.16 -11.42 -17.48
C HIS D 352 -6.66 -11.72 -17.51
N TRP D 353 -7.11 -12.67 -16.68
CA TRP D 353 -8.52 -13.02 -16.68
C TRP D 353 -9.39 -11.80 -16.40
N LEU D 354 -8.96 -10.97 -15.45
CA LEU D 354 -9.71 -9.76 -15.15
C LEU D 354 -9.67 -8.78 -16.31
N ALA D 355 -8.57 -8.76 -17.07
CA ALA D 355 -8.54 -7.93 -18.26
C ALA D 355 -9.56 -8.41 -19.28
N CYS D 356 -9.73 -9.73 -19.38
CA CYS D 356 -10.73 -10.29 -20.30
C CYS D 356 -12.15 -9.99 -19.82
N ILE D 357 -12.40 -10.11 -18.52
CA ILE D 357 -13.70 -9.74 -17.98
C ILE D 357 -13.97 -8.27 -18.23
N TRP D 358 -12.98 -7.42 -17.99
CA TRP D 358 -13.15 -5.99 -18.18
C TRP D 358 -13.44 -5.68 -19.63
N TYR D 359 -12.75 -6.37 -20.55
CA TYR D 359 -13.04 -6.14 -21.95
C TYR D 359 -14.43 -6.62 -22.29
N ALA D 360 -14.87 -7.74 -21.71
CA ALA D 360 -16.22 -8.21 -21.98
C ALA D 360 -17.24 -7.18 -21.53
N ILE D 361 -17.05 -6.62 -20.34
CA ILE D 361 -17.99 -5.65 -19.80
C ILE D 361 -18.00 -4.40 -20.67
N GLY D 362 -16.82 -3.94 -21.08
CA GLY D 362 -16.76 -2.76 -21.93
C GLY D 362 -17.32 -3.01 -23.32
N ASN D 363 -17.24 -4.25 -23.79
CA ASN D 363 -17.63 -4.58 -25.15
C ASN D 363 -19.05 -5.09 -25.27
N MET D 364 -19.72 -5.37 -24.15
CA MET D 364 -21.13 -5.75 -24.22
C MET D 364 -21.95 -4.59 -24.76
N GLU D 365 -21.73 -3.39 -24.25
CA GLU D 365 -22.50 -2.24 -24.67
C GLU D 365 -21.66 -0.98 -24.70
N GLY D 374 -18.90 4.64 -21.26
CA GLY D 374 -18.10 3.45 -21.03
C GLY D 374 -16.65 3.80 -20.83
N TRP D 375 -15.74 2.87 -21.09
CA TRP D 375 -14.32 3.19 -21.08
C TRP D 375 -13.65 3.03 -22.43
N LEU D 376 -14.20 2.25 -23.35
CA LEU D 376 -13.64 2.23 -24.69
C LEU D 376 -13.81 3.57 -25.38
N HIS D 377 -14.87 4.30 -25.09
CA HIS D 377 -15.00 5.65 -25.61
C HIS D 377 -14.03 6.59 -24.94
N ASN D 378 -13.67 6.30 -23.70
CA ASN D 378 -12.69 7.10 -22.97
C ASN D 378 -11.27 6.70 -23.32
N LEU D 379 -11.08 5.51 -23.90
CA LEU D 379 -9.77 5.13 -24.42
C LEU D 379 -9.56 5.70 -25.81
N GLY D 380 -10.60 5.72 -26.63
CA GLY D 380 -10.45 6.14 -28.00
C GLY D 380 -10.00 7.57 -28.16
N ASP D 381 -10.01 8.36 -27.10
CA ASP D 381 -9.70 9.77 -27.21
C ASP D 381 -8.30 10.12 -26.70
N GLN D 382 -7.83 9.46 -25.64
CA GLN D 382 -6.44 9.65 -25.24
C GLN D 382 -5.51 9.22 -26.37
N ILE D 383 -5.51 7.93 -26.69
CA ILE D 383 -4.89 7.47 -27.92
C ILE D 383 -5.64 8.10 -29.08
N GLY D 384 -4.91 8.67 -30.02
CA GLY D 384 -5.55 9.44 -31.08
C GLY D 384 -6.26 8.59 -32.12
N LYS D 385 -7.29 7.86 -31.71
CA LYS D 385 -8.05 6.98 -32.61
C LYS D 385 -9.51 7.03 -32.19
N PRO D 386 -10.20 8.11 -32.51
CA PRO D 386 -11.57 8.28 -32.03
C PRO D 386 -12.57 7.44 -32.82
N TYR D 387 -13.69 7.16 -32.16
CA TYR D 387 -14.82 6.48 -32.79
C TYR D 387 -16.05 6.51 -31.88
N PRO D 395 -9.75 1.54 -32.60
CA PRO D 395 -8.56 1.15 -31.84
C PRO D 395 -8.13 -0.27 -32.15
N SER D 396 -6.85 -0.45 -32.44
CA SER D 396 -6.34 -1.78 -32.78
C SER D 396 -6.27 -2.63 -31.53
N ILE D 397 -6.66 -3.90 -31.68
CA ILE D 397 -6.85 -4.82 -30.56
C ILE D 397 -5.62 -4.84 -29.66
N LYS D 398 -4.46 -4.49 -30.20
CA LYS D 398 -3.28 -4.40 -29.35
C LYS D 398 -3.50 -3.38 -28.25
N ASP D 399 -4.02 -2.20 -28.61
CA ASP D 399 -4.34 -1.19 -27.61
C ASP D 399 -5.40 -1.71 -26.65
N LYS D 400 -6.61 -1.95 -27.15
CA LYS D 400 -7.73 -2.40 -26.31
C LYS D 400 -7.34 -3.55 -25.42
N TYR D 401 -6.31 -4.30 -25.75
CA TYR D 401 -5.91 -5.28 -24.76
C TYR D 401 -4.90 -4.74 -23.77
N VAL D 402 -3.90 -3.98 -24.24
CA VAL D 402 -2.84 -3.62 -23.31
C VAL D 402 -3.28 -2.53 -22.35
N THR D 403 -4.16 -1.63 -22.80
CA THR D 403 -4.75 -0.67 -21.88
C THR D 403 -5.64 -1.35 -20.85
N ALA D 404 -6.34 -2.42 -21.24
CA ALA D 404 -7.14 -3.13 -20.27
C ALA D 404 -6.27 -3.83 -19.25
N LEU D 405 -5.22 -4.51 -19.71
CA LEU D 405 -4.29 -5.08 -18.75
C LEU D 405 -3.65 -4.01 -17.89
N TYR D 406 -3.46 -2.81 -18.45
CA TYR D 406 -2.87 -1.72 -17.70
C TYR D 406 -3.79 -1.28 -16.58
N PHE D 407 -5.04 -0.98 -16.89
CA PHE D 407 -6.01 -0.60 -15.87
C PHE D 407 -6.17 -1.69 -14.83
N THR D 408 -6.14 -2.95 -15.25
CA THR D 408 -6.32 -4.02 -14.28
C THR D 408 -5.13 -4.12 -13.34
N PHE D 409 -3.92 -3.99 -13.86
CA PHE D 409 -2.76 -3.94 -12.98
C PHE D 409 -2.81 -2.73 -12.06
N SER D 410 -3.31 -1.61 -12.58
CA SER D 410 -3.46 -0.41 -11.75
C SER D 410 -4.37 -0.70 -10.56
N SER D 411 -5.63 -1.03 -10.82
CA SER D 411 -6.58 -1.28 -9.75
C SER D 411 -6.08 -2.36 -8.80
N LEU D 412 -5.40 -3.37 -9.31
CA LEU D 412 -4.94 -4.43 -8.43
C LEU D 412 -3.72 -4.06 -7.61
N THR D 413 -2.93 -3.10 -8.07
CA THR D 413 -1.77 -2.66 -7.33
C THR D 413 -1.99 -1.34 -6.60
N SER D 414 -3.21 -0.81 -6.67
CA SER D 414 -3.58 0.36 -5.88
C SER D 414 -2.73 1.56 -6.25
N VAL D 415 -2.73 1.91 -7.53
CA VAL D 415 -2.09 3.13 -7.98
C VAL D 415 -3.13 4.07 -8.53
N GLY D 416 -3.85 3.64 -9.55
CA GLY D 416 -4.93 4.46 -10.06
C GLY D 416 -4.45 5.70 -10.77
N PHE D 417 -3.84 5.53 -11.94
CA PHE D 417 -3.26 6.64 -12.66
C PHE D 417 -4.28 7.65 -13.14
N GLY D 418 -5.56 7.30 -13.13
CA GLY D 418 -6.57 8.29 -13.40
C GLY D 418 -6.78 8.64 -14.86
N ASN D 419 -6.08 8.00 -15.79
CA ASN D 419 -6.41 8.22 -17.20
C ASN D 419 -7.69 7.50 -17.57
N VAL D 420 -7.81 6.23 -17.19
CA VAL D 420 -9.03 5.45 -17.38
C VAL D 420 -9.66 5.18 -16.02
N SER D 421 -10.98 5.32 -15.95
CA SER D 421 -11.69 5.30 -14.69
C SER D 421 -13.10 4.79 -14.89
N PRO D 422 -13.59 3.91 -14.03
CA PRO D 422 -14.96 3.41 -14.17
C PRO D 422 -15.98 4.53 -14.05
N ASN D 423 -16.91 4.60 -15.00
CA ASN D 423 -17.87 5.68 -15.05
C ASN D 423 -19.24 5.23 -15.52
N THR D 424 -19.63 3.99 -15.23
CA THR D 424 -20.98 3.53 -15.50
C THR D 424 -21.27 2.30 -14.65
N ASN D 425 -22.44 2.30 -14.00
CA ASN D 425 -22.73 1.51 -12.80
C ASN D 425 -22.17 0.10 -12.84
N SER D 426 -22.26 -0.56 -13.99
CA SER D 426 -21.72 -1.92 -14.08
C SER D 426 -20.22 -1.91 -13.89
N GLU D 427 -19.53 -0.95 -14.50
CA GLU D 427 -18.09 -0.85 -14.30
C GLU D 427 -17.78 -0.53 -12.84
N LYS D 428 -18.60 0.32 -12.22
CA LYS D 428 -18.36 0.65 -10.81
C LYS D 428 -18.46 -0.59 -9.94
N ILE D 429 -19.46 -1.44 -10.19
CA ILE D 429 -19.60 -2.65 -9.38
C ILE D 429 -18.46 -3.61 -9.65
N PHE D 430 -18.07 -3.74 -10.92
CA PHE D 430 -16.90 -4.57 -11.21
C PHE D 430 -15.68 -4.05 -10.48
N SER D 431 -15.52 -2.73 -10.40
CA SER D 431 -14.36 -2.16 -9.75
C SER D 431 -14.42 -2.40 -8.25
N ILE D 432 -15.62 -2.34 -7.66
CA ILE D 432 -15.75 -2.72 -6.26
C ILE D 432 -15.21 -4.13 -6.06
N CYS D 433 -15.63 -5.03 -6.94
CA CYS D 433 -15.18 -6.41 -6.80
C CYS D 433 -13.68 -6.55 -7.02
N VAL D 434 -13.12 -5.77 -7.94
CA VAL D 434 -11.69 -5.93 -8.21
C VAL D 434 -10.87 -5.31 -7.10
N MET D 435 -11.35 -4.22 -6.51
CA MET D 435 -10.69 -3.64 -5.35
C MET D 435 -10.72 -4.63 -4.19
N LEU D 436 -11.85 -5.31 -4.02
CA LEU D 436 -11.93 -6.27 -2.92
C LEU D 436 -11.03 -7.47 -3.15
N ILE D 437 -11.06 -8.03 -4.37
CA ILE D 437 -10.20 -9.18 -4.66
C ILE D 437 -8.74 -8.79 -4.58
N GLY D 438 -8.42 -7.54 -4.91
CA GLY D 438 -7.07 -7.06 -4.71
C GLY D 438 -6.73 -6.95 -3.23
N SER D 439 -7.63 -6.39 -2.45
CA SER D 439 -7.43 -6.30 -1.00
C SER D 439 -7.14 -7.68 -0.40
N LEU D 440 -7.73 -8.72 -0.96
CA LEU D 440 -7.38 -10.07 -0.53
C LEU D 440 -6.00 -10.48 -1.05
N MET D 441 -5.87 -10.51 -2.38
CA MET D 441 -4.75 -11.21 -2.99
C MET D 441 -3.45 -10.44 -2.82
N TYR D 442 -3.47 -9.13 -3.06
CA TYR D 442 -2.28 -8.31 -2.84
C TYR D 442 -1.66 -8.63 -1.49
N ALA D 443 -2.42 -8.41 -0.42
CA ALA D 443 -1.92 -8.65 0.92
C ALA D 443 -1.42 -10.09 1.07
N SER D 444 -2.25 -11.06 0.72
CA SER D 444 -1.91 -12.46 1.00
C SER D 444 -0.68 -12.91 0.20
N ILE D 445 -0.74 -12.79 -1.12
CA ILE D 445 0.36 -13.27 -1.95
C ILE D 445 1.64 -12.49 -1.69
N PHE D 446 1.54 -11.21 -1.29
CA PHE D 446 2.78 -10.47 -1.12
C PHE D 446 3.33 -10.57 0.29
N GLY D 447 2.51 -10.90 1.27
CA GLY D 447 3.05 -11.50 2.48
C GLY D 447 3.80 -12.77 2.17
N ASN D 448 3.24 -13.60 1.28
CA ASN D 448 3.96 -14.79 0.85
C ASN D 448 5.28 -14.42 0.19
N VAL D 449 5.28 -13.39 -0.65
CA VAL D 449 6.50 -12.94 -1.31
C VAL D 449 7.53 -12.51 -0.29
N SER D 450 7.11 -11.71 0.69
CA SER D 450 8.04 -11.29 1.73
C SER D 450 8.64 -12.49 2.45
N ALA D 451 7.79 -13.46 2.80
CA ALA D 451 8.28 -14.63 3.55
C ALA D 451 9.27 -15.43 2.73
N ILE D 452 8.91 -15.75 1.49
CA ILE D 452 9.76 -16.62 0.67
C ILE D 452 11.04 -15.90 0.29
N ILE D 453 10.97 -14.61 -0.02
CA ILE D 453 12.19 -13.85 -0.26
C ILE D 453 13.00 -13.72 1.02
N GLN D 454 12.35 -13.82 2.19
CA GLN D 454 13.08 -13.80 3.45
C GLN D 454 13.79 -15.10 3.71
N ARG D 455 13.29 -16.20 3.15
CA ARG D 455 13.92 -17.50 3.36
C ARG D 455 15.35 -17.54 2.85
N LEU D 456 15.82 -16.43 2.27
CA LEU D 456 17.22 -16.29 1.89
C LEU D 456 17.85 -15.13 2.66
K K E . -3.18 5.88 -5.45
K K F . -4.55 8.54 -8.07
K K G . -1.66 2.93 -2.53
#